data_7C6L
#
_entry.id   7C6L
#
_cell.length_a   61.000
_cell.length_b   100.340
_cell.length_c   133.230
_cell.angle_alpha   90.000
_cell.angle_beta   90.000
_cell.angle_gamma   90.000
#
_symmetry.space_group_name_H-M   'P 21 21 21'
#
loop_
_entity.id
_entity.type
_entity.pdbx_description
1 polymer 'Sugar ABC transporter, periplasmic sugar-binding protein'
2 branched alpha-L-altropyranose-(1-4)-alpha-D-altropyranose-(1-4)-alpha-D-glucopyranose
3 non-polymer 'CHLORIDE ION'
4 non-polymer 'SODIUM ION'
5 non-polymer 1,2-ETHANEDIOL
6 non-polymer 'CARBON DIOXIDE'
7 non-polymer DI(HYDROXYETHYL)ETHER
8 water water
#
_entity_poly.entity_id   1
_entity_poly.type   'polypeptide(L)'
_entity_poly.pdbx_seq_one_letter_code
;MQKTLEVWIMPNSPQPAEDFKALVAPFEKAHGVEVKVTVLDWGVAWTKITTAATSGVGPDLTQLGTTWVGAISAMGVLEP
VDDVLEALGGEKAYLPAVWRTTRLEGARQATAVPWFSELRAFYYRTDALKAAGVNPAEMFASWQGFEAGLARLKASSFRD
PETKAPLAPLCTPGRTPRTLHNAAPWIWGAGGEIVRQAGGRWQSALNSPESLEGLYFFLSLAQKGYVPAESLEKNTAQIE
ADFQAGKCAVFASGPWMIQRAQVPEAKGGFAERTAAKNLGVAPYPAGPKGRYTFFGGSNLALFNFSKNKPLAKELLKYLG
GPEAQVRYAQMTGMLPALRSAWSDPSFQQNPLLRTFIQAAQFGRTYPSLAGWGGVENLAVQHLGMAWDLVAQGRLTREAL
KDLMDKASAAINQALRHHHHHH
;
_entity_poly.pdbx_strand_id   A,B
#
# COMPACT_ATOMS: atom_id res chain seq x y z
N LYS A 3 9.98 26.22 -12.36
CA LYS A 3 10.25 24.80 -12.82
C LYS A 3 10.21 23.86 -11.59
N THR A 4 9.78 22.62 -11.78
CA THR A 4 9.38 21.73 -10.65
C THR A 4 9.77 20.28 -10.91
N LEU A 5 10.38 19.62 -9.91
CA LEU A 5 10.53 18.15 -9.87
C LEU A 5 9.69 17.57 -8.76
N GLU A 6 9.16 16.37 -9.01
CA GLU A 6 8.50 15.53 -8.00
C GLU A 6 9.36 14.29 -7.73
N VAL A 7 9.57 14.04 -6.45
CA VAL A 7 10.31 12.88 -5.94
C VAL A 7 9.44 12.19 -4.88
N TRP A 8 9.38 10.87 -4.99
CA TRP A 8 8.85 9.92 -3.99
C TRP A 8 10.01 9.25 -3.25
N ILE A 9 9.98 9.24 -1.93
CA ILE A 9 11.00 8.64 -1.05
C ILE A 9 10.24 7.86 0.01
N MET A 10 10.95 6.91 0.64
CA MET A 10 10.48 6.16 1.82
C MET A 10 11.00 6.86 3.10
N PRO A 11 10.53 6.44 4.30
CA PRO A 11 10.97 7.06 5.55
C PRO A 11 12.40 6.66 5.98
N ASN A 12 13.38 7.38 5.45
CA ASN A 12 14.81 7.03 5.50
C ASN A 12 15.42 7.64 6.75
N SER A 13 14.80 8.70 7.27
CA SER A 13 15.33 9.52 8.40
C SER A 13 14.21 9.85 9.36
N PRO A 14 14.50 10.40 10.56
CA PRO A 14 13.46 10.77 11.53
C PRO A 14 12.36 11.67 10.96
N GLN A 15 12.74 12.73 10.22
CA GLN A 15 11.79 13.64 9.55
C GLN A 15 12.01 13.56 8.05
N PRO A 16 11.44 12.58 7.37
CA PRO A 16 11.89 12.23 6.03
C PRO A 16 11.75 13.40 5.04
N ALA A 17 10.61 14.10 5.04
CA ALA A 17 10.37 15.23 4.10
C ALA A 17 11.40 16.35 4.36
N GLU A 18 11.52 16.75 5.63
CA GLU A 18 12.33 17.92 6.03
C GLU A 18 13.80 17.66 5.73
N ASP A 19 14.27 16.43 5.99
CA ASP A 19 15.71 16.11 5.77
C ASP A 19 16.01 16.20 4.27
N PHE A 20 15.14 15.60 3.47
CA PHE A 20 15.24 15.57 2.00
C PHE A 20 15.15 16.99 1.51
N LYS A 21 14.26 17.79 2.06
CA LYS A 21 14.18 19.20 1.62
C LYS A 21 15.52 19.87 1.92
N ALA A 22 16.09 19.68 3.11
CA ALA A 22 17.35 20.36 3.48
C ALA A 22 18.46 19.79 2.59
N LEU A 23 18.34 18.55 2.16
CA LEU A 23 19.40 17.88 1.33
C LEU A 23 19.46 18.54 -0.05
N VAL A 24 18.31 18.90 -0.60
CA VAL A 24 18.21 19.40 -2.01
C VAL A 24 18.13 20.93 -2.05
N ALA A 25 18.13 21.66 -0.93
CA ALA A 25 18.09 23.16 -0.94
C ALA A 25 19.20 23.78 -1.81
N PRO A 26 20.48 23.38 -1.72
CA PRO A 26 21.50 23.97 -2.58
C PRO A 26 21.24 23.74 -4.08
N PHE A 27 20.59 22.61 -4.40
CA PHE A 27 20.25 22.26 -5.79
C PHE A 27 19.14 23.22 -6.23
N GLU A 28 18.15 23.43 -5.38
CA GLU A 28 17.00 24.32 -5.64
C GLU A 28 17.52 25.71 -5.94
N LYS A 29 18.43 26.21 -5.09
CA LYS A 29 19.09 27.52 -5.23
C LYS A 29 19.80 27.60 -6.57
N ALA A 30 20.71 26.68 -6.83
CA ALA A 30 21.65 26.73 -7.98
C ALA A 30 20.89 26.55 -9.30
N HIS A 31 19.75 25.83 -9.32
CA HIS A 31 19.01 25.59 -10.59
C HIS A 31 17.76 26.47 -10.68
N GLY A 32 17.40 27.24 -9.63
CA GLY A 32 16.12 27.98 -9.59
C GLY A 32 14.92 27.06 -9.82
N VAL A 33 14.86 25.94 -9.09
CA VAL A 33 13.78 24.92 -9.20
C VAL A 33 13.28 24.56 -7.80
N GLU A 34 12.02 24.13 -7.73
CA GLU A 34 11.42 23.56 -6.51
C GLU A 34 11.33 22.05 -6.69
N VAL A 35 11.88 21.30 -5.74
CA VAL A 35 11.70 19.83 -5.61
C VAL A 35 10.60 19.57 -4.60
N LYS A 36 9.49 18.98 -5.03
CA LYS A 36 8.36 18.58 -4.15
C LYS A 36 8.55 17.10 -3.81
N VAL A 37 8.53 16.76 -2.53
CA VAL A 37 8.80 15.36 -2.08
C VAL A 37 7.50 14.85 -1.48
N THR A 38 7.23 13.58 -1.69
CA THR A 38 6.13 12.84 -1.04
C THR A 38 6.76 11.59 -0.46
N VAL A 39 6.48 11.34 0.81
CA VAL A 39 7.03 10.17 1.57
C VAL A 39 6.04 9.03 1.48
N LEU A 40 6.45 7.86 0.99
CA LEU A 40 5.59 6.66 0.96
C LEU A 40 6.08 5.72 2.03
N ASP A 41 5.22 5.27 2.94
CA ASP A 41 5.54 4.15 3.88
C ASP A 41 6.06 2.99 3.02
N TRP A 42 7.06 2.27 3.49
CA TRP A 42 7.57 1.03 2.84
C TRP A 42 6.43 0.05 2.60
N GLY A 43 5.50 -0.07 3.56
CA GLY A 43 4.32 -0.96 3.45
C GLY A 43 3.51 -0.71 2.20
N VAL A 44 3.58 0.48 1.59
CA VAL A 44 2.67 0.86 0.48
C VAL A 44 3.46 1.16 -0.80
N ALA A 45 4.79 1.27 -0.72
CA ALA A 45 5.63 1.90 -1.76
C ALA A 45 5.61 1.06 -3.03
N TRP A 46 5.67 -0.26 -2.89
CA TRP A 46 5.68 -1.19 -4.03
C TRP A 46 4.42 -0.98 -4.87
N THR A 47 3.29 -0.93 -4.23
CA THR A 47 1.97 -0.77 -4.87
C THR A 47 1.92 0.58 -5.58
N LYS A 48 2.33 1.66 -4.92
CA LYS A 48 2.26 3.02 -5.48
C LYS A 48 3.21 3.07 -6.67
N ILE A 49 4.38 2.47 -6.52
CA ILE A 49 5.38 2.53 -7.61
C ILE A 49 4.95 1.69 -8.81
N THR A 50 4.36 0.53 -8.62
CA THR A 50 3.85 -0.27 -9.78
C THR A 50 2.60 0.39 -10.37
N THR A 51 1.79 1.04 -9.55
CA THR A 51 0.60 1.81 -10.04
C THR A 51 1.12 2.97 -10.92
N ALA A 52 2.09 3.73 -10.43
CA ALA A 52 2.67 4.79 -11.29
C ALA A 52 3.14 4.15 -12.59
N ALA A 53 3.88 3.04 -12.51
CA ALA A 53 4.49 2.38 -13.69
C ALA A 53 3.43 1.92 -14.71
N THR A 54 2.36 1.28 -14.27
CA THR A 54 1.35 0.79 -15.26
C THR A 54 0.52 1.96 -15.80
N SER A 55 0.19 2.92 -14.96
CA SER A 55 -0.78 3.99 -15.24
C SER A 55 -0.12 5.16 -15.98
N GLY A 56 1.17 5.39 -15.82
CA GLY A 56 1.83 6.53 -16.49
C GLY A 56 1.67 7.81 -15.68
N VAL A 57 1.30 7.68 -14.42
CA VAL A 57 1.06 8.85 -13.53
C VAL A 57 1.95 8.65 -12.34
N GLY A 58 2.84 9.61 -12.12
CA GLY A 58 3.71 9.56 -10.95
C GLY A 58 4.69 10.71 -10.97
N PRO A 59 5.77 10.57 -10.17
CA PRO A 59 6.74 11.63 -10.00
C PRO A 59 7.72 11.60 -11.17
N ASP A 60 8.69 12.49 -11.18
CA ASP A 60 9.84 12.42 -12.09
C ASP A 60 10.78 11.37 -11.56
N LEU A 61 11.11 11.41 -10.29
CA LEU A 61 12.06 10.45 -9.67
C LEU A 61 11.37 9.72 -8.52
N THR A 62 11.69 8.44 -8.35
CA THR A 62 11.24 7.68 -7.18
C THR A 62 12.41 7.00 -6.52
N GLN A 63 12.41 6.90 -5.19
CA GLN A 63 13.33 5.98 -4.49
C GLN A 63 12.85 4.58 -4.83
N LEU A 64 13.75 3.66 -5.14
CA LEU A 64 13.51 2.20 -5.34
C LEU A 64 14.42 1.39 -4.42
N GLY A 65 13.91 0.45 -3.67
CA GLY A 65 14.75 -0.55 -2.99
C GLY A 65 15.58 -1.31 -4.01
N THR A 66 16.85 -1.56 -3.71
CA THR A 66 17.78 -2.32 -4.59
C THR A 66 17.07 -3.60 -5.08
N THR A 67 16.29 -4.23 -4.24
CA THR A 67 15.71 -5.54 -4.61
C THR A 67 14.57 -5.38 -5.59
N TRP A 68 14.11 -4.18 -5.82
CA TRP A 68 12.95 -3.88 -6.71
C TRP A 68 13.46 -3.41 -8.08
N VAL A 69 14.76 -3.15 -8.26
CA VAL A 69 15.17 -2.41 -9.49
C VAL A 69 14.82 -3.27 -10.72
N GLY A 70 15.17 -4.56 -10.67
CA GLY A 70 14.90 -5.51 -11.77
C GLY A 70 13.46 -5.50 -12.18
N ALA A 71 12.58 -5.66 -11.21
CA ALA A 71 11.13 -5.80 -11.49
C ALA A 71 10.64 -4.54 -12.17
N ILE A 72 11.04 -3.36 -11.73
CA ILE A 72 10.41 -2.12 -12.27
C ILE A 72 11.05 -1.86 -13.62
N SER A 73 12.32 -2.17 -13.74
CA SER A 73 13.08 -1.92 -14.98
C SER A 73 12.44 -2.77 -16.09
N ALA A 74 12.15 -4.03 -15.76
CA ALA A 74 11.65 -5.06 -16.70
C ALA A 74 10.26 -4.69 -17.25
N MET A 75 9.57 -3.79 -16.56
CA MET A 75 8.27 -3.25 -17.02
C MET A 75 8.52 -2.20 -18.10
N GLY A 76 9.78 -1.80 -18.33
CA GLY A 76 10.17 -0.92 -19.45
C GLY A 76 9.86 0.56 -19.19
N VAL A 77 9.67 0.99 -17.92
CA VAL A 77 9.15 2.35 -17.59
C VAL A 77 10.24 3.33 -17.13
N LEU A 78 11.50 2.88 -17.02
CA LEU A 78 12.57 3.74 -16.48
C LEU A 78 13.48 4.28 -17.60
N GLU A 79 13.87 5.54 -17.46
CA GLU A 79 14.86 6.21 -18.33
C GLU A 79 16.22 5.57 -18.11
N PRO A 80 16.98 5.27 -19.19
CA PRO A 80 18.38 4.87 -19.00
C PRO A 80 19.14 5.98 -18.29
N VAL A 81 20.10 5.61 -17.47
CA VAL A 81 20.90 6.56 -16.66
C VAL A 81 22.39 6.21 -16.75
N ASP A 82 22.83 5.53 -17.79
CA ASP A 82 24.28 5.28 -18.01
C ASP A 82 25.03 6.61 -17.99
N ASP A 83 24.45 7.67 -18.56
CA ASP A 83 25.13 8.98 -18.58
C ASP A 83 25.47 9.40 -17.13
N VAL A 84 24.51 9.29 -16.20
CA VAL A 84 24.67 9.79 -14.80
C VAL A 84 25.79 8.98 -14.15
N LEU A 85 25.78 7.66 -14.37
CA LEU A 85 26.69 6.72 -13.69
C LEU A 85 28.10 7.01 -14.18
N GLU A 86 28.25 7.29 -15.48
CA GLU A 86 29.54 7.69 -16.08
C GLU A 86 30.00 9.01 -15.45
N ALA A 87 29.12 10.00 -15.35
CA ALA A 87 29.47 11.31 -14.73
C ALA A 87 29.82 11.14 -13.25
N LEU A 88 29.37 10.07 -12.59
CA LEU A 88 29.73 9.82 -11.15
C LEU A 88 30.95 8.92 -10.97
N GLY A 89 31.60 8.46 -12.05
CA GLY A 89 32.86 7.69 -12.07
C GLY A 89 32.63 6.23 -12.45
N GLY A 90 31.47 5.86 -13.01
CA GLY A 90 31.23 4.55 -13.62
C GLY A 90 31.46 3.40 -12.67
N GLU A 91 31.70 2.21 -13.22
CA GLU A 91 31.72 0.93 -12.49
C GLU A 91 32.67 0.99 -11.30
N LYS A 92 33.86 1.55 -11.47
CA LYS A 92 34.93 1.65 -10.45
C LYS A 92 34.50 2.40 -9.20
N ALA A 93 33.53 3.30 -9.31
CA ALA A 93 33.13 4.17 -8.19
C ALA A 93 32.19 3.41 -7.23
N TYR A 94 31.81 2.17 -7.55
CA TYR A 94 30.85 1.38 -6.73
C TYR A 94 31.40 0.00 -6.36
N LEU A 95 31.03 -0.42 -5.17
CA LEU A 95 31.13 -1.85 -4.73
C LEU A 95 30.46 -2.66 -5.84
N PRO A 96 31.00 -3.81 -6.27
CA PRO A 96 30.34 -4.55 -7.35
C PRO A 96 28.89 -4.92 -6.99
N ALA A 97 28.62 -5.20 -5.71
CA ALA A 97 27.26 -5.56 -5.24
C ALA A 97 26.30 -4.38 -5.50
N VAL A 98 26.77 -3.15 -5.30
CA VAL A 98 25.99 -1.93 -5.55
C VAL A 98 25.84 -1.72 -7.06
N TRP A 99 26.91 -1.93 -7.84
CA TRP A 99 26.83 -1.76 -9.31
C TRP A 99 25.73 -2.62 -9.93
N ARG A 100 25.58 -3.84 -9.45
CA ARG A 100 24.67 -4.83 -10.04
C ARG A 100 23.23 -4.39 -9.75
N THR A 101 22.94 -3.50 -8.80
CA THR A 101 21.55 -3.01 -8.53
C THR A 101 21.17 -1.86 -9.47
N THR A 102 22.07 -1.43 -10.35
CA THR A 102 21.79 -0.28 -11.23
C THR A 102 21.02 -0.78 -12.44
N ARG A 103 20.77 -2.07 -12.55
CA ARG A 103 20.00 -2.62 -13.70
C ARG A 103 19.37 -3.96 -13.37
N LEU A 104 18.38 -4.33 -14.16
CA LEU A 104 17.86 -5.69 -14.23
C LEU A 104 19.01 -6.52 -14.80
N GLU A 105 19.27 -7.67 -14.17
CA GLU A 105 20.34 -8.60 -14.58
C GLU A 105 20.15 -8.97 -16.05
N GLY A 106 21.21 -8.79 -16.82
CA GLY A 106 21.26 -9.03 -18.27
C GLY A 106 20.82 -7.83 -19.09
N ALA A 107 20.44 -6.71 -18.49
CA ALA A 107 19.95 -5.54 -19.27
C ALA A 107 21.15 -4.75 -19.81
N ARG A 108 20.93 -4.17 -20.98
CA ARG A 108 21.89 -3.38 -21.76
C ARG A 108 22.16 -2.09 -21.00
N GLN A 109 21.10 -1.42 -20.58
CA GLN A 109 21.14 -0.06 -19.99
C GLN A 109 20.85 -0.12 -18.48
N ALA A 110 21.55 0.71 -17.72
CA ALA A 110 21.30 1.00 -16.29
C ALA A 110 20.00 1.80 -16.18
N THR A 111 19.20 1.50 -15.16
CA THR A 111 17.88 2.14 -14.90
C THR A 111 17.79 2.72 -13.49
N ALA A 112 18.82 2.62 -12.65
CA ALA A 112 18.79 3.24 -11.31
C ALA A 112 20.16 3.70 -10.85
N VAL A 113 20.21 4.84 -10.15
CA VAL A 113 21.42 5.45 -9.55
C VAL A 113 21.52 5.08 -8.07
N PRO A 114 22.66 4.54 -7.59
CA PRO A 114 22.75 4.15 -6.18
C PRO A 114 22.63 5.38 -5.29
N TRP A 115 21.82 5.32 -4.28
CA TRP A 115 21.54 6.49 -3.42
C TRP A 115 22.20 6.27 -2.05
N PHE A 116 21.84 5.17 -1.38
CA PHE A 116 22.49 4.72 -0.12
C PHE A 116 22.43 3.20 0.00
N SER A 117 23.30 2.66 0.86
CA SER A 117 23.43 1.22 1.19
C SER A 117 23.09 1.02 2.65
N GLU A 118 23.00 -0.23 3.06
CA GLU A 118 22.30 -0.64 4.29
C GLU A 118 22.62 -2.13 4.43
N LEU A 119 23.01 -2.61 5.59
CA LEU A 119 23.14 -4.06 5.78
C LEU A 119 22.80 -4.39 7.23
N ARG A 120 22.69 -5.67 7.58
CA ARG A 120 22.05 -6.04 8.86
C ARG A 120 23.10 -6.56 9.80
N ALA A 121 22.84 -6.33 11.09
CA ALA A 121 23.67 -6.76 12.22
C ALA A 121 22.79 -6.76 13.48
N PHE A 122 23.32 -7.28 14.57
CA PHE A 122 22.59 -7.46 15.83
C PHE A 122 22.94 -6.30 16.74
N TYR A 123 21.95 -5.47 17.07
CA TYR A 123 22.04 -4.49 18.18
C TYR A 123 21.87 -5.32 19.45
N TYR A 124 22.58 -4.98 20.51
CA TYR A 124 22.50 -5.73 21.79
C TYR A 124 22.63 -4.76 22.95
N ARG A 125 22.05 -5.11 24.09
CA ARG A 125 22.10 -4.35 25.34
C ARG A 125 23.38 -4.79 26.03
N THR A 126 24.41 -3.94 26.00
CA THR A 126 25.74 -4.18 26.63
C THR A 126 25.53 -4.45 28.11
N ASP A 127 24.67 -3.68 28.80
CA ASP A 127 24.31 -3.97 30.22
C ASP A 127 23.68 -5.37 30.36
N ALA A 128 22.73 -5.77 29.51
CA ALA A 128 22.06 -7.08 29.69
C ALA A 128 23.04 -8.23 29.39
N LEU A 129 23.90 -8.09 28.38
CA LEU A 129 24.87 -9.17 28.12
C LEU A 129 25.88 -9.28 29.28
N LYS A 130 26.38 -8.17 29.74
CA LYS A 130 27.33 -8.13 30.87
C LYS A 130 26.69 -8.81 32.10
N ALA A 131 25.44 -8.46 32.43
CA ALA A 131 24.73 -9.03 33.61
C ALA A 131 24.51 -10.53 33.41
N ALA A 132 24.35 -11.02 32.17
CA ALA A 132 24.08 -12.44 31.92
C ALA A 132 25.40 -13.23 31.88
N GLY A 133 26.53 -12.56 31.89
CA GLY A 133 27.85 -13.18 31.71
C GLY A 133 28.08 -13.62 30.26
N VAL A 134 27.59 -12.86 29.27
CA VAL A 134 27.79 -13.21 27.83
C VAL A 134 28.87 -12.27 27.27
N ASN A 135 29.90 -12.88 26.73
CA ASN A 135 30.94 -12.17 25.94
C ASN A 135 30.40 -12.10 24.53
N PRO A 136 30.04 -10.90 24.02
CA PRO A 136 29.51 -10.76 22.68
C PRO A 136 30.41 -11.39 21.61
N ALA A 137 31.74 -11.39 21.80
CA ALA A 137 32.68 -11.97 20.81
C ALA A 137 32.42 -13.47 20.70
N GLU A 138 31.99 -14.13 21.76
CA GLU A 138 31.66 -15.57 21.69
C GLU A 138 30.26 -15.70 21.08
N MET A 139 29.29 -14.92 21.55
CA MET A 139 27.88 -15.10 21.19
C MET A 139 27.74 -14.91 19.68
N PHE A 140 28.46 -13.95 19.11
CA PHE A 140 28.20 -13.55 17.71
C PHE A 140 29.30 -14.09 16.80
N ALA A 141 30.02 -15.12 17.26
CA ALA A 141 31.06 -15.78 16.44
C ALA A 141 30.40 -16.89 15.62
N SER A 142 29.44 -17.63 16.18
CA SER A 142 28.93 -18.89 15.58
C SER A 142 27.48 -19.13 15.96
N TRP A 143 26.83 -20.05 15.23
CA TRP A 143 25.46 -20.50 15.58
C TRP A 143 25.47 -21.09 16.99
N GLN A 144 26.51 -21.83 17.35
CA GLN A 144 26.57 -22.54 18.65
C GLN A 144 26.76 -21.45 19.71
N GLY A 145 27.65 -20.49 19.49
CA GLY A 145 27.84 -19.37 20.44
C GLY A 145 26.57 -18.55 20.60
N PHE A 146 25.85 -18.34 19.50
CA PHE A 146 24.61 -17.53 19.44
C PHE A 146 23.56 -18.15 20.38
N GLU A 147 23.31 -19.43 20.22
CA GLU A 147 22.33 -20.18 21.01
C GLU A 147 22.81 -20.29 22.47
N ALA A 148 24.10 -20.47 22.72
CA ALA A 148 24.64 -20.55 24.10
C ALA A 148 24.39 -19.22 24.81
N GLY A 149 24.56 -18.12 24.08
CA GLY A 149 24.34 -16.76 24.60
C GLY A 149 22.87 -16.53 24.88
N LEU A 150 21.99 -16.89 23.96
CA LEU A 150 20.54 -16.73 24.19
C LEU A 150 20.17 -17.53 25.45
N ALA A 151 20.73 -18.73 25.66
CA ALA A 151 20.38 -19.54 26.86
C ALA A 151 20.79 -18.77 28.13
N ARG A 152 21.99 -18.19 28.11
CA ARG A 152 22.52 -17.36 29.22
C ARG A 152 21.64 -16.15 29.44
N LEU A 153 21.25 -15.46 28.39
CA LEU A 153 20.32 -14.30 28.51
C LEU A 153 18.99 -14.74 29.10
N LYS A 154 18.51 -15.93 28.76
CA LYS A 154 17.21 -16.43 29.26
C LYS A 154 17.29 -16.71 30.76
N ALA A 155 18.46 -17.13 31.25
CA ALA A 155 18.67 -17.55 32.66
C ALA A 155 19.06 -16.35 33.52
N SER A 156 19.33 -15.23 32.86
CA SER A 156 19.81 -14.02 33.57
C SER A 156 18.76 -13.54 34.56
N SER A 157 19.18 -12.99 35.70
CA SER A 157 18.22 -12.32 36.63
C SER A 157 18.19 -10.81 36.38
N PHE A 158 18.82 -10.37 35.32
CA PHE A 158 18.83 -8.93 34.95
C PHE A 158 17.40 -8.42 34.75
N ARG A 159 17.17 -7.18 35.16
CA ARG A 159 15.87 -6.46 34.92
C ARG A 159 16.16 -5.03 34.39
N ASP A 160 15.42 -4.57 33.40
CA ASP A 160 15.71 -3.25 32.79
C ASP A 160 15.49 -2.19 33.85
N PRO A 161 16.40 -1.20 34.08
CA PRO A 161 16.24 -0.22 35.17
C PRO A 161 15.01 0.69 35.11
N GLU A 162 14.38 0.81 33.96
CA GLU A 162 13.15 1.64 33.74
C GLU A 162 11.92 0.73 33.73
N THR A 163 11.89 -0.34 32.96
CA THR A 163 10.68 -1.19 32.87
C THR A 163 10.53 -1.99 34.17
N LYS A 164 11.64 -2.28 34.86
CA LYS A 164 11.61 -3.07 36.12
C LYS A 164 11.20 -4.51 35.78
N ALA A 165 11.45 -4.94 34.55
CA ALA A 165 11.07 -6.27 34.06
C ALA A 165 12.27 -6.91 33.37
N PRO A 166 12.27 -8.26 33.27
CA PRO A 166 13.24 -9.01 32.49
C PRO A 166 13.22 -8.54 31.04
N LEU A 167 14.32 -8.78 30.31
CA LEU A 167 14.37 -8.64 28.81
C LEU A 167 14.18 -10.03 28.18
N ALA A 168 13.45 -10.07 27.08
CA ALA A 168 13.50 -11.26 26.20
C ALA A 168 14.93 -11.33 25.66
N PRO A 169 15.48 -12.54 25.48
CA PRO A 169 16.78 -12.68 24.88
C PRO A 169 16.88 -12.18 23.43
N LEU A 170 15.93 -12.57 22.58
CA LEU A 170 15.85 -12.13 21.16
C LEU A 170 14.44 -11.68 20.85
N CYS A 171 14.28 -10.59 20.09
CA CYS A 171 13.02 -10.25 19.41
C CYS A 171 13.26 -10.30 17.91
N THR A 172 12.40 -11.03 17.24
CA THR A 172 12.25 -11.13 15.78
C THR A 172 10.75 -11.17 15.50
N PRO A 173 10.26 -10.47 14.46
CA PRO A 173 8.84 -10.48 14.17
C PRO A 173 8.37 -11.81 13.56
N GLY A 174 7.22 -12.32 13.98
CA GLY A 174 6.47 -13.42 13.30
C GLY A 174 5.11 -13.13 12.66
N ARG A 175 4.81 -11.87 12.35
CA ARG A 175 3.42 -11.46 12.01
C ARG A 175 3.58 -11.13 10.52
N THR A 176 3.85 -9.87 10.15
CA THR A 176 3.79 -9.41 8.73
C THR A 176 5.24 -9.49 8.30
N PRO A 177 5.64 -10.65 7.72
CA PRO A 177 6.98 -10.81 7.19
C PRO A 177 6.79 -10.24 5.79
N ARG A 178 7.10 -8.95 5.60
CA ARG A 178 7.06 -8.27 4.27
C ARG A 178 8.15 -8.83 3.34
N THR A 179 9.30 -9.20 3.91
CA THR A 179 10.58 -9.53 3.24
C THR A 179 11.27 -10.71 3.93
N LEU A 180 12.26 -11.27 3.25
CA LEU A 180 13.13 -12.35 3.74
C LEU A 180 14.38 -11.80 4.42
N HIS A 181 14.48 -10.50 4.62
CA HIS A 181 15.73 -9.89 5.11
C HIS A 181 16.19 -10.61 6.40
N ASN A 182 15.24 -10.89 7.29
CA ASN A 182 15.49 -11.49 8.62
C ASN A 182 15.95 -12.95 8.43
N ALA A 183 15.43 -13.64 7.43
CA ALA A 183 15.60 -15.08 7.28
C ALA A 183 16.86 -15.37 6.46
N ALA A 184 17.20 -14.51 5.51
CA ALA A 184 18.22 -14.78 4.48
C ALA A 184 19.56 -15.21 5.08
N PRO A 185 20.04 -14.54 6.13
CA PRO A 185 21.37 -14.84 6.66
C PRO A 185 21.47 -16.26 7.24
N TRP A 186 20.38 -16.75 7.81
CA TRP A 186 20.29 -18.13 8.30
C TRP A 186 20.30 -19.10 7.11
N ILE A 187 19.52 -18.81 6.08
CA ILE A 187 19.55 -19.62 4.83
C ILE A 187 20.99 -19.70 4.32
N TRP A 188 21.63 -18.54 4.16
CA TRP A 188 22.94 -18.43 3.47
C TRP A 188 24.04 -19.07 4.32
N GLY A 189 23.97 -18.82 5.63
CA GLY A 189 24.91 -19.33 6.63
C GLY A 189 24.95 -20.84 6.61
N ALA A 190 23.84 -21.51 6.30
CA ALA A 190 23.81 -23.00 6.24
C ALA A 190 24.32 -23.49 4.86
N GLY A 191 24.62 -22.58 3.95
CA GLY A 191 25.06 -22.83 2.57
C GLY A 191 23.91 -22.97 1.58
N GLY A 192 22.75 -22.46 1.99
CA GLY A 192 21.51 -22.37 1.19
C GLY A 192 21.46 -21.08 0.41
N GLU A 193 20.39 -20.96 -0.37
CA GLU A 193 20.05 -19.84 -1.26
C GLU A 193 18.52 -19.78 -1.37
N ILE A 194 18.02 -18.63 -1.78
CA ILE A 194 16.57 -18.41 -2.04
C ILE A 194 16.25 -18.88 -3.46
N VAL A 195 17.01 -18.40 -4.44
CA VAL A 195 16.95 -18.92 -5.83
C VAL A 195 18.35 -19.31 -6.25
N ARG A 196 18.43 -20.22 -7.22
CA ARG A 196 19.64 -20.83 -7.83
C ARG A 196 19.45 -20.76 -9.34
N GLN A 197 20.46 -20.37 -10.11
CA GLN A 197 20.40 -20.45 -11.60
C GLN A 197 21.04 -21.77 -12.03
N ALA A 198 20.38 -22.60 -12.85
CA ALA A 198 21.01 -23.79 -13.48
C ALA A 198 20.61 -23.88 -14.96
N GLY A 199 21.59 -23.88 -15.87
CA GLY A 199 21.36 -23.56 -17.29
C GLY A 199 20.98 -22.09 -17.39
N GLY A 200 19.92 -21.74 -18.11
CA GLY A 200 19.42 -20.35 -18.13
C GLY A 200 18.62 -20.00 -16.87
N ARG A 201 17.91 -21.00 -16.31
CA ARG A 201 16.63 -20.80 -15.56
C ARG A 201 16.92 -20.63 -14.07
N TRP A 202 16.31 -19.63 -13.48
CA TRP A 202 16.26 -19.48 -12.00
C TRP A 202 15.20 -20.43 -11.41
N GLN A 203 15.51 -21.08 -10.28
CA GLN A 203 14.57 -21.95 -9.51
C GLN A 203 14.71 -21.65 -8.02
N SER A 204 13.64 -21.83 -7.24
CA SER A 204 13.68 -21.78 -5.75
C SER A 204 14.73 -22.77 -5.29
N ALA A 205 15.42 -22.45 -4.20
CA ALA A 205 16.29 -23.35 -3.43
C ALA A 205 15.87 -23.30 -1.95
N LEU A 206 14.74 -22.64 -1.66
CA LEU A 206 14.19 -22.62 -0.29
C LEU A 206 13.92 -24.03 0.23
N ASN A 207 13.69 -25.03 -0.65
CA ASN A 207 13.48 -26.41 -0.15
C ASN A 207 14.75 -27.28 -0.28
N SER A 208 15.93 -26.71 -0.57
CA SER A 208 17.23 -27.43 -0.49
C SER A 208 17.46 -27.82 0.98
N PRO A 209 18.20 -28.92 1.22
CA PRO A 209 18.47 -29.33 2.60
C PRO A 209 19.18 -28.21 3.39
N GLU A 210 20.06 -27.48 2.72
CA GLU A 210 20.82 -26.36 3.35
C GLU A 210 19.87 -25.22 3.76
N SER A 211 19.06 -24.73 2.84
CA SER A 211 18.11 -23.63 3.12
C SER A 211 17.24 -24.07 4.31
N LEU A 212 16.79 -25.32 4.32
CA LEU A 212 15.91 -25.89 5.37
C LEU A 212 16.61 -25.98 6.72
N GLU A 213 17.87 -26.39 6.77
CA GLU A 213 18.66 -26.38 8.02
C GLU A 213 18.72 -24.95 8.62
N GLY A 214 19.04 -23.95 7.80
CA GLY A 214 19.11 -22.52 8.22
C GLY A 214 17.77 -21.98 8.67
N LEU A 215 16.72 -22.19 7.88
CA LEU A 215 15.36 -21.76 8.29
C LEU A 215 14.95 -22.44 9.59
N TYR A 216 15.21 -23.73 9.73
CA TYR A 216 14.75 -24.47 10.92
C TYR A 216 15.53 -23.95 12.10
N PHE A 217 16.84 -23.73 11.96
CA PHE A 217 17.68 -23.23 13.08
C PHE A 217 17.09 -21.94 13.62
N PHE A 218 16.85 -21.01 12.71
CA PHE A 218 16.34 -19.65 13.04
C PHE A 218 14.95 -19.74 13.71
N LEU A 219 14.00 -20.38 13.02
CA LEU A 219 12.61 -20.45 13.49
C LEU A 219 12.52 -21.22 14.82
N SER A 220 13.37 -22.20 15.07
CA SER A 220 13.27 -23.04 16.29
C SER A 220 13.82 -22.30 17.50
N LEU A 221 14.62 -21.23 17.30
CA LEU A 221 15.09 -20.44 18.47
C LEU A 221 13.86 -19.93 19.22
N ALA A 222 12.81 -19.57 18.51
CA ALA A 222 11.58 -19.02 19.12
C ALA A 222 10.79 -20.16 19.71
N GLN A 223 10.89 -21.35 19.13
CA GLN A 223 10.23 -22.57 19.65
C GLN A 223 10.95 -23.03 20.93
N LYS A 224 12.22 -22.69 21.09
CA LYS A 224 13.01 -23.04 22.29
C LYS A 224 12.75 -22.00 23.40
N GLY A 225 11.97 -20.93 23.18
CA GLY A 225 11.70 -19.94 24.25
C GLY A 225 12.67 -18.77 24.30
N TYR A 226 13.51 -18.57 23.28
CA TYR A 226 14.47 -17.42 23.20
C TYR A 226 13.77 -16.17 22.70
N VAL A 227 12.60 -16.37 22.14
CA VAL A 227 11.75 -15.29 21.59
C VAL A 227 10.39 -15.52 22.21
N PRO A 228 9.84 -14.54 22.92
CA PRO A 228 8.57 -14.76 23.60
C PRO A 228 7.40 -14.83 22.59
N ALA A 229 6.35 -15.55 22.99
CA ALA A 229 5.04 -15.63 22.31
C ALA A 229 4.63 -14.26 21.77
N GLU A 230 4.67 -13.23 22.65
CA GLU A 230 4.26 -11.83 22.36
C GLU A 230 4.76 -11.44 20.96
N SER A 231 6.05 -11.70 20.70
CA SER A 231 6.85 -11.05 19.63
C SER A 231 6.49 -11.71 18.27
N LEU A 232 5.84 -12.86 18.23
CA LEU A 232 5.48 -13.54 16.95
C LEU A 232 4.18 -12.96 16.40
N GLU A 233 3.48 -12.13 17.16
CA GLU A 233 2.23 -11.46 16.72
C GLU A 233 2.56 -10.00 16.38
N LYS A 234 3.85 -9.62 16.33
CA LYS A 234 4.32 -8.24 16.00
C LYS A 234 5.04 -8.21 14.65
N ASN A 235 5.02 -7.04 14.03
CA ASN A 235 5.76 -6.70 12.80
C ASN A 235 7.11 -6.06 13.18
N THR A 236 7.92 -5.74 12.18
CA THR A 236 9.24 -5.10 12.30
C THR A 236 9.14 -3.79 13.10
N ALA A 237 8.19 -2.90 12.80
CA ALA A 237 8.14 -1.57 13.46
C ALA A 237 7.86 -1.77 14.95
N GLN A 238 7.08 -2.78 15.31
CA GLN A 238 6.73 -2.97 16.73
C GLN A 238 7.96 -3.57 17.45
N ILE A 239 8.65 -4.51 16.81
CA ILE A 239 9.85 -5.13 17.43
C ILE A 239 10.88 -4.02 17.67
N GLU A 240 11.06 -3.11 16.70
CA GLU A 240 11.97 -1.95 16.85
C GLU A 240 11.58 -1.19 18.12
N ALA A 241 10.29 -0.88 18.27
CA ALA A 241 9.75 -0.12 19.42
C ALA A 241 10.09 -0.86 20.70
N ASP A 242 9.87 -2.18 20.71
CA ASP A 242 10.11 -3.07 21.88
C ASP A 242 11.60 -3.05 22.30
N PHE A 243 12.54 -3.11 21.37
CA PHE A 243 13.98 -3.00 21.68
C PHE A 243 14.25 -1.65 22.36
N GLN A 244 13.72 -0.59 21.76
CA GLN A 244 13.83 0.82 22.27
C GLN A 244 13.24 0.95 23.68
N ALA A 245 12.10 0.30 23.92
CA ALA A 245 11.39 0.36 25.22
C ALA A 245 12.06 -0.54 26.27
N GLY A 246 13.14 -1.26 25.93
CA GLY A 246 13.95 -2.01 26.93
C GLY A 246 13.41 -3.40 27.21
N LYS A 247 12.78 -4.03 26.22
CA LYS A 247 12.09 -5.33 26.35
C LYS A 247 12.90 -6.46 25.70
N CYS A 248 13.97 -6.22 24.96
CA CYS A 248 14.79 -7.33 24.44
C CYS A 248 16.27 -7.01 24.53
N ALA A 249 17.09 -8.06 24.64
CA ALA A 249 18.55 -7.96 24.79
C ALA A 249 19.17 -7.77 23.42
N VAL A 250 18.63 -8.44 22.41
CA VAL A 250 19.30 -8.56 21.09
C VAL A 250 18.28 -8.37 20.00
N PHE A 251 18.61 -7.66 18.92
CA PHE A 251 17.79 -7.79 17.70
C PHE A 251 18.48 -7.21 16.47
N ALA A 252 18.08 -7.79 15.35
CA ALA A 252 18.65 -7.59 14.02
C ALA A 252 18.01 -6.35 13.38
N SER A 253 18.81 -5.39 12.97
CA SER A 253 18.33 -4.24 12.15
C SER A 253 19.48 -3.68 11.32
N GLY A 254 19.24 -2.54 10.68
CA GLY A 254 20.26 -1.86 9.88
C GLY A 254 20.89 -0.72 10.65
N PRO A 255 21.76 0.08 10.03
CA PRO A 255 22.60 1.05 10.76
C PRO A 255 21.85 2.33 11.11
N TRP A 256 20.65 2.50 10.55
CA TRP A 256 19.83 3.69 10.87
C TRP A 256 19.56 3.76 12.38
N MET A 257 19.48 2.62 13.07
CA MET A 257 19.14 2.65 14.53
C MET A 257 20.22 3.40 15.30
N ILE A 258 21.46 3.36 14.82
CA ILE A 258 22.58 4.10 15.47
C ILE A 258 22.21 5.59 15.50
N GLN A 259 21.77 6.14 14.37
CA GLN A 259 21.41 7.57 14.24
C GLN A 259 20.19 7.80 15.13
N ARG A 260 19.19 6.92 15.09
CA ARG A 260 17.96 7.10 15.90
C ARG A 260 18.34 7.10 17.37
N ALA A 261 19.40 6.39 17.76
CA ALA A 261 19.79 6.29 19.18
C ALA A 261 20.37 7.61 19.69
N GLN A 262 20.73 8.53 18.80
CA GLN A 262 21.43 9.83 19.07
C GLN A 262 20.42 10.98 19.00
N VAL A 263 19.18 10.72 18.63
CA VAL A 263 18.11 11.74 18.43
C VAL A 263 17.10 11.62 19.57
N PRO A 264 16.65 12.75 20.14
CA PRO A 264 15.68 12.69 21.22
C PRO A 264 14.36 12.04 20.74
N GLU A 265 13.66 11.41 21.69
CA GLU A 265 12.26 10.96 21.56
C GLU A 265 11.48 12.06 20.85
N ALA A 266 11.53 13.27 21.41
CA ALA A 266 10.84 14.47 20.92
C ALA A 266 10.94 14.53 19.39
N LYS A 267 12.09 14.18 18.78
CA LYS A 267 12.37 14.28 17.32
C LYS A 267 12.37 12.91 16.62
N GLY A 268 11.76 11.86 17.22
CA GLY A 268 11.50 10.60 16.50
C GLY A 268 12.63 9.59 16.66
N GLY A 269 13.54 9.83 17.61
CA GLY A 269 14.59 8.90 18.05
C GLY A 269 14.29 8.30 19.42
N PHE A 270 15.31 7.82 20.14
CA PHE A 270 15.11 7.13 21.44
C PHE A 270 16.29 7.38 22.39
N ALA A 271 16.95 8.53 22.27
CA ALA A 271 18.24 8.81 22.96
C ALA A 271 18.06 8.66 24.46
N GLU A 272 16.90 9.03 24.99
CA GLU A 272 16.62 9.08 26.44
C GLU A 272 16.50 7.65 27.01
N ARG A 273 16.27 6.65 26.16
CA ARG A 273 16.02 5.24 26.59
C ARG A 273 17.30 4.57 27.07
N THR A 274 17.21 3.71 28.08
CA THR A 274 18.32 2.85 28.54
C THR A 274 19.00 2.12 27.36
N ALA A 275 18.24 1.62 26.39
CA ALA A 275 18.81 0.88 25.24
C ALA A 275 19.81 1.76 24.47
N ALA A 276 19.52 3.04 24.28
CA ALA A 276 20.39 4.01 23.58
C ALA A 276 21.71 4.20 24.32
N LYS A 277 21.70 4.13 25.65
CA LYS A 277 22.87 4.39 26.51
C LYS A 277 23.59 3.09 26.81
N ASN A 278 23.06 1.96 26.36
CA ASN A 278 23.69 0.65 26.63
C ASN A 278 23.68 -0.13 25.33
N LEU A 279 24.17 0.50 24.25
CA LEU A 279 23.93 -0.02 22.90
C LEU A 279 25.21 -0.58 22.28
N GLY A 280 25.15 -1.84 21.87
CA GLY A 280 26.25 -2.52 21.15
C GLY A 280 25.80 -3.00 19.77
N VAL A 281 26.74 -3.38 18.94
CA VAL A 281 26.45 -3.93 17.59
C VAL A 281 27.43 -5.07 17.34
N ALA A 282 26.95 -6.23 16.88
CA ALA A 282 27.80 -7.38 16.51
C ALA A 282 27.35 -7.93 15.18
N PRO A 283 28.24 -8.53 14.38
CA PRO A 283 27.83 -9.09 13.09
C PRO A 283 26.96 -10.30 13.36
N TYR A 284 26.19 -10.75 12.35
CA TYR A 284 25.59 -12.11 12.35
C TYR A 284 26.67 -13.14 12.62
N PRO A 285 26.36 -14.19 13.40
CA PRO A 285 27.31 -15.28 13.59
C PRO A 285 27.55 -16.03 12.28
N ALA A 286 28.73 -16.59 12.15
CA ALA A 286 29.09 -17.49 11.02
C ALA A 286 28.27 -18.76 11.13
N GLY A 287 27.60 -19.12 10.04
CA GLY A 287 26.83 -20.38 9.96
C GLY A 287 27.80 -21.52 9.73
N PRO A 288 27.35 -22.77 9.59
CA PRO A 288 28.26 -23.87 9.28
C PRO A 288 28.93 -23.84 7.89
N LYS A 289 28.44 -23.02 6.94
CA LYS A 289 29.07 -22.86 5.59
C LYS A 289 29.40 -21.41 5.30
N GLY A 290 29.30 -20.51 6.28
CA GLY A 290 30.02 -19.24 6.23
C GLY A 290 29.20 -18.12 6.80
N ARG A 291 29.75 -16.92 6.75
CA ARG A 291 29.18 -15.72 7.37
C ARG A 291 28.63 -14.88 6.23
N TYR A 292 27.33 -14.56 6.32
CA TYR A 292 26.58 -13.71 5.37
C TYR A 292 25.69 -12.79 6.19
N THR A 293 25.42 -11.62 5.62
CA THR A 293 24.29 -10.77 6.06
C THR A 293 23.63 -10.19 4.81
N PHE A 294 22.39 -9.83 4.97
CA PHE A 294 21.63 -9.10 3.94
C PHE A 294 22.27 -7.72 3.74
N PHE A 295 22.65 -7.42 2.50
CA PHE A 295 23.17 -6.10 2.06
C PHE A 295 22.18 -5.56 1.04
N GLY A 296 21.61 -4.38 1.28
CA GLY A 296 20.68 -3.73 0.35
C GLY A 296 20.84 -2.22 0.36
N GLY A 297 19.72 -1.51 0.37
CA GLY A 297 19.75 -0.05 0.19
C GLY A 297 18.77 0.37 -0.86
N SER A 298 18.79 1.64 -1.21
CA SER A 298 17.84 2.24 -2.17
C SER A 298 18.63 2.97 -3.24
N ASN A 299 18.08 2.93 -4.43
CA ASN A 299 18.55 3.67 -5.60
C ASN A 299 17.46 4.69 -5.95
N LEU A 300 17.74 5.49 -6.96
CA LEU A 300 16.79 6.48 -7.49
C LEU A 300 16.62 6.20 -8.95
N ALA A 301 15.41 6.27 -9.44
CA ALA A 301 15.09 6.05 -10.86
C ALA A 301 14.19 7.19 -11.36
N LEU A 302 14.30 7.39 -12.67
CA LEU A 302 13.60 8.41 -13.45
C LEU A 302 12.56 7.67 -14.32
N PHE A 303 11.27 8.00 -14.18
CA PHE A 303 10.21 7.49 -15.08
C PHE A 303 10.43 8.08 -16.47
N ASN A 304 10.22 7.28 -17.50
CA ASN A 304 10.44 7.71 -18.88
C ASN A 304 9.24 8.53 -19.36
N PHE A 305 8.16 8.60 -18.57
CA PHE A 305 7.01 9.48 -18.92
C PHE A 305 7.24 10.88 -18.35
N SER A 306 8.34 11.13 -17.64
CA SER A 306 8.66 12.48 -17.06
C SER A 306 8.89 13.46 -18.21
N LYS A 307 8.50 14.69 -17.95
CA LYS A 307 8.66 15.82 -18.87
C LYS A 307 9.84 16.69 -18.40
N ASN A 308 10.67 16.21 -17.45
CA ASN A 308 11.77 17.00 -16.85
C ASN A 308 13.06 16.17 -16.81
N LYS A 309 13.31 15.42 -17.89
CA LYS A 309 14.37 14.38 -17.89
C LYS A 309 15.73 15.01 -17.63
N PRO A 310 16.20 15.98 -18.44
CA PRO A 310 17.51 16.57 -18.18
C PRO A 310 17.68 17.15 -16.77
N LEU A 311 16.70 17.92 -16.28
CA LEU A 311 16.78 18.48 -14.92
C LEU A 311 16.79 17.35 -13.88
N ALA A 312 15.96 16.33 -14.08
CA ALA A 312 15.92 15.11 -13.24
C ALA A 312 17.30 14.46 -13.28
N LYS A 313 17.98 14.41 -14.44
CA LYS A 313 19.31 13.76 -14.47
C LYS A 313 20.32 14.59 -13.65
N GLU A 314 20.20 15.91 -13.67
CA GLU A 314 21.04 16.85 -12.89
C GLU A 314 20.87 16.52 -11.39
N LEU A 315 19.63 16.34 -10.95
CA LEU A 315 19.34 16.00 -9.54
C LEU A 315 19.88 14.60 -9.21
N LEU A 316 19.85 13.65 -10.14
CA LEU A 316 20.40 12.31 -9.84
C LEU A 316 21.92 12.47 -9.66
N LYS A 317 22.58 13.18 -10.58
CA LYS A 317 24.04 13.47 -10.44
C LYS A 317 24.32 14.04 -9.04
N TYR A 318 23.52 15.00 -8.61
CA TYR A 318 23.74 15.69 -7.32
C TYR A 318 23.58 14.69 -6.18
N LEU A 319 22.52 13.89 -6.21
CA LEU A 319 22.17 13.01 -5.08
C LEU A 319 23.12 11.83 -5.00
N GLY A 320 23.64 11.36 -6.13
CA GLY A 320 24.63 10.27 -6.17
C GLY A 320 26.06 10.77 -5.91
N GLY A 321 26.29 12.11 -5.91
CA GLY A 321 27.63 12.74 -5.82
C GLY A 321 28.15 12.82 -4.38
N PRO A 322 29.48 13.01 -4.22
CA PRO A 322 30.10 12.91 -2.91
C PRO A 322 29.48 13.81 -1.81
N GLU A 323 29.11 15.04 -2.15
CA GLU A 323 28.68 15.99 -1.11
C GLU A 323 27.40 15.40 -0.51
N ALA A 324 26.38 15.24 -1.34
CA ALA A 324 25.05 14.77 -0.94
C ALA A 324 25.12 13.31 -0.43
N GLN A 325 26.06 12.50 -0.92
CA GLN A 325 26.17 11.09 -0.47
C GLN A 325 26.52 11.09 1.01
N VAL A 326 27.54 11.85 1.38
CA VAL A 326 27.98 11.94 2.79
C VAL A 326 26.86 12.57 3.61
N ARG A 327 26.28 13.67 3.16
CA ARG A 327 25.27 14.40 3.97
C ARG A 327 24.05 13.52 4.22
N TYR A 328 23.51 12.86 3.20
CA TYR A 328 22.26 12.10 3.37
C TYR A 328 22.50 10.90 4.27
N ALA A 329 23.65 10.24 4.16
CA ALA A 329 24.04 9.13 5.03
C ALA A 329 24.05 9.64 6.47
N GLN A 330 24.56 10.83 6.69
CA GLN A 330 24.58 11.43 8.04
C GLN A 330 23.14 11.61 8.51
N MET A 331 22.29 12.16 7.66
CA MET A 331 20.91 12.53 8.08
C MET A 331 20.14 11.28 8.45
N THR A 332 20.36 10.19 7.72
CA THR A 332 19.54 8.96 7.77
C THR A 332 20.21 7.88 8.62
N GLY A 333 21.51 7.91 8.80
CA GLY A 333 22.24 6.81 9.47
C GLY A 333 22.43 5.59 8.56
N MET A 334 22.22 5.74 7.26
CA MET A 334 22.52 4.69 6.28
C MET A 334 24.00 4.82 5.87
N LEU A 335 24.51 3.94 5.05
CA LEU A 335 25.87 4.16 4.49
C LEU A 335 25.74 4.72 3.09
N PRO A 336 26.73 5.46 2.59
CA PRO A 336 26.68 5.94 1.22
C PRO A 336 26.66 4.77 0.23
N ALA A 337 26.10 5.01 -0.94
CA ALA A 337 26.13 4.06 -2.06
C ALA A 337 27.47 4.21 -2.77
N LEU A 338 28.00 5.45 -2.90
CA LEU A 338 29.29 5.76 -3.56
C LEU A 338 30.46 5.27 -2.69
N ARG A 339 31.29 4.35 -3.22
CA ARG A 339 32.37 3.68 -2.44
C ARG A 339 33.27 4.74 -1.78
N SER A 340 33.62 5.79 -2.49
CA SER A 340 34.64 6.74 -1.99
C SER A 340 34.15 7.32 -0.66
N ALA A 341 32.85 7.64 -0.58
CA ALA A 341 32.25 8.34 0.58
C ALA A 341 32.33 7.48 1.85
N TRP A 342 32.55 6.15 1.76
CA TRP A 342 32.76 5.24 2.92
C TRP A 342 33.94 5.70 3.74
N SER A 343 34.90 6.35 3.12
CA SER A 343 36.18 6.69 3.80
C SER A 343 36.04 8.00 4.58
N ASP A 344 34.93 8.74 4.41
CA ASP A 344 34.69 9.96 5.24
C ASP A 344 34.85 9.59 6.71
N PRO A 345 35.70 10.32 7.45
CA PRO A 345 35.94 10.08 8.86
C PRO A 345 34.68 10.01 9.72
N SER A 346 33.66 10.79 9.37
CA SER A 346 32.38 10.77 10.11
C SER A 346 31.81 9.33 10.17
N PHE A 347 32.10 8.46 9.20
CA PHE A 347 31.62 7.06 9.21
C PHE A 347 32.66 6.14 9.82
N GLN A 348 33.94 6.41 9.73
CA GLN A 348 34.98 5.51 10.29
C GLN A 348 34.99 5.67 11.83
N GLN A 349 34.65 6.84 12.37
CA GLN A 349 34.92 7.25 13.77
C GLN A 349 33.83 6.78 14.76
N ASN A 350 32.65 6.41 14.28
CA ASN A 350 31.52 5.91 15.12
C ASN A 350 31.70 4.41 15.34
N PRO A 351 32.03 3.96 16.55
CA PRO A 351 32.40 2.56 16.75
C PRO A 351 31.30 1.58 16.33
N LEU A 352 30.03 1.90 16.62
CA LEU A 352 28.91 1.04 16.17
C LEU A 352 28.91 0.97 14.65
N LEU A 353 29.00 2.10 13.98
CA LEU A 353 28.95 2.10 12.48
C LEU A 353 30.16 1.32 11.95
N ARG A 354 31.33 1.48 12.59
CA ARG A 354 32.56 0.78 12.15
C ARG A 354 32.24 -0.72 12.05
N THR A 355 31.45 -1.27 12.97
CA THR A 355 31.08 -2.70 12.97
C THR A 355 30.18 -3.02 11.77
N PHE A 356 29.27 -2.15 11.37
CA PHE A 356 28.46 -2.35 10.16
C PHE A 356 29.39 -2.39 8.94
N ILE A 357 30.36 -1.48 8.92
CA ILE A 357 31.30 -1.33 7.78
C ILE A 357 32.13 -2.63 7.67
N GLN A 358 32.67 -3.13 8.78
CA GLN A 358 33.43 -4.40 8.75
C GLN A 358 32.50 -5.55 8.31
N ALA A 359 31.24 -5.56 8.76
CA ALA A 359 30.29 -6.64 8.42
C ALA A 359 29.95 -6.64 6.91
N ALA A 360 30.15 -5.53 6.21
CA ALA A 360 29.94 -5.40 4.75
C ALA A 360 30.82 -6.39 3.96
N GLN A 361 31.96 -6.79 4.51
CA GLN A 361 32.80 -7.85 3.88
C GLN A 361 31.96 -9.08 3.58
N PHE A 362 30.99 -9.42 4.41
CA PHE A 362 30.21 -10.67 4.28
C PHE A 362 28.82 -10.35 3.73
N GLY A 363 28.63 -9.10 3.35
CA GLY A 363 27.34 -8.70 2.78
C GLY A 363 27.02 -9.53 1.57
N ARG A 364 25.74 -9.80 1.39
CA ARG A 364 25.17 -10.63 0.31
C ARG A 364 23.86 -10.01 -0.16
N THR A 365 23.71 -9.91 -1.47
CA THR A 365 22.54 -9.33 -2.16
C THR A 365 21.69 -10.45 -2.75
N TYR A 366 20.45 -10.13 -3.08
CA TYR A 366 19.55 -10.91 -3.96
C TYR A 366 19.90 -10.63 -5.42
N PRO A 367 19.68 -11.56 -6.36
CA PRO A 367 19.82 -11.23 -7.78
C PRO A 367 18.78 -10.20 -8.23
N SER A 368 19.14 -9.37 -9.19
CA SER A 368 18.32 -8.28 -9.74
C SER A 368 17.37 -8.89 -10.78
N LEU A 369 16.43 -9.73 -10.36
CA LEU A 369 15.49 -10.44 -11.28
C LEU A 369 14.21 -9.63 -11.52
N ALA A 370 13.68 -9.76 -12.74
CA ALA A 370 12.34 -9.29 -13.18
C ALA A 370 11.22 -9.84 -12.28
N GLY A 371 11.27 -11.09 -11.81
CA GLY A 371 10.13 -11.57 -11.01
C GLY A 371 10.32 -11.36 -9.50
N TRP A 372 11.32 -10.56 -9.09
CA TRP A 372 11.81 -10.64 -7.69
C TRP A 372 10.65 -10.31 -6.71
N GLY A 373 9.82 -9.33 -7.05
CA GLY A 373 8.64 -8.95 -6.24
C GLY A 373 7.78 -10.17 -5.85
N GLY A 374 7.36 -10.97 -6.86
CA GLY A 374 6.51 -12.15 -6.67
C GLY A 374 7.24 -13.26 -5.91
N VAL A 375 8.53 -13.46 -6.20
CA VAL A 375 9.35 -14.44 -5.47
C VAL A 375 9.30 -14.10 -3.97
N GLU A 376 9.68 -12.87 -3.61
CA GLU A 376 9.74 -12.46 -2.19
C GLU A 376 8.34 -12.57 -1.60
N ASN A 377 7.34 -12.15 -2.37
CA ASN A 377 5.95 -12.11 -1.85
C ASN A 377 5.53 -13.53 -1.55
N LEU A 378 5.82 -14.47 -2.48
CA LEU A 378 5.41 -15.89 -2.33
C LEU A 378 6.16 -16.52 -1.15
N ALA A 379 7.43 -16.21 -1.00
CA ALA A 379 8.29 -16.76 0.06
C ALA A 379 7.74 -16.38 1.44
N VAL A 380 7.46 -15.09 1.65
CA VAL A 380 7.06 -14.56 2.99
C VAL A 380 5.66 -15.06 3.35
N GLN A 381 4.78 -15.22 2.35
CA GLN A 381 3.42 -15.76 2.57
C GLN A 381 3.54 -17.14 3.21
N HIS A 382 4.44 -18.01 2.72
CA HIS A 382 4.60 -19.41 3.24
C HIS A 382 5.43 -19.44 4.53
N LEU A 383 6.41 -18.56 4.63
CA LEU A 383 7.25 -18.45 5.85
C LEU A 383 6.38 -17.96 6.99
N GLY A 384 5.47 -17.02 6.70
CA GLY A 384 4.37 -16.62 7.59
C GLY A 384 3.73 -17.82 8.25
N MET A 385 3.39 -18.82 7.44
CA MET A 385 2.63 -20.00 7.92
C MET A 385 3.56 -20.88 8.77
N ALA A 386 4.86 -20.89 8.47
CA ALA A 386 5.90 -21.56 9.26
C ALA A 386 5.94 -20.93 10.64
N TRP A 387 5.89 -19.60 10.71
CA TRP A 387 5.93 -18.83 11.98
C TRP A 387 4.69 -19.10 12.82
N ASP A 388 3.52 -19.25 12.18
CA ASP A 388 2.27 -19.68 12.85
C ASP A 388 2.45 -21.09 13.43
N LEU A 389 3.15 -21.99 12.74
CA LEU A 389 3.46 -23.32 13.36
C LEU A 389 4.31 -23.09 14.63
N VAL A 390 5.37 -22.28 14.54
CA VAL A 390 6.28 -21.97 15.68
C VAL A 390 5.44 -21.54 16.88
N ALA A 391 4.54 -20.58 16.70
CA ALA A 391 3.72 -19.92 17.75
C ALA A 391 2.84 -20.92 18.51
N GLN A 392 2.49 -22.04 17.88
CA GLN A 392 1.75 -23.19 18.46
C GLN A 392 2.71 -24.33 18.85
N GLY A 393 4.01 -24.14 18.72
CA GLY A 393 5.03 -25.18 19.06
C GLY A 393 4.92 -26.43 18.18
N ARG A 394 4.52 -26.28 16.92
CA ARG A 394 4.26 -27.40 15.99
C ARG A 394 5.16 -27.33 14.75
N LEU A 395 6.17 -26.47 14.67
CA LEU A 395 7.13 -26.50 13.52
C LEU A 395 8.15 -27.65 13.66
N THR A 396 7.91 -28.74 12.92
CA THR A 396 8.85 -29.85 12.66
C THR A 396 9.62 -29.59 11.36
N ARG A 397 10.77 -30.26 11.21
CA ARG A 397 11.61 -30.17 10.00
C ARG A 397 10.76 -30.60 8.80
N GLU A 398 9.89 -31.60 9.00
CA GLU A 398 8.98 -32.16 7.94
C GLU A 398 7.93 -31.12 7.55
N ALA A 399 7.28 -30.47 8.51
CA ALA A 399 6.24 -29.46 8.22
C ALA A 399 6.87 -28.30 7.43
N LEU A 400 8.06 -27.89 7.85
CA LEU A 400 8.86 -26.82 7.22
C LEU A 400 9.19 -27.21 5.78
N LYS A 401 9.55 -28.48 5.56
CA LYS A 401 9.87 -28.99 4.21
C LYS A 401 8.63 -28.84 3.31
N ASP A 402 7.47 -29.24 3.84
CA ASP A 402 6.16 -29.17 3.12
C ASP A 402 5.88 -27.71 2.74
N LEU A 403 6.01 -26.81 3.70
CA LEU A 403 5.75 -25.39 3.39
C LEU A 403 6.71 -24.92 2.31
N MET A 404 7.95 -25.36 2.35
CA MET A 404 8.97 -24.78 1.45
C MET A 404 8.84 -25.46 0.08
N ASP A 405 8.41 -26.72 0.02
CA ASP A 405 8.10 -27.44 -1.25
C ASP A 405 7.04 -26.65 -2.02
N LYS A 406 6.04 -26.16 -1.32
CA LYS A 406 4.90 -25.42 -1.91
C LYS A 406 5.36 -24.02 -2.31
N ALA A 407 6.01 -23.33 -1.39
CA ALA A 407 6.73 -22.06 -1.68
C ALA A 407 7.52 -22.21 -3.00
N SER A 408 8.19 -23.35 -3.17
CA SER A 408 9.09 -23.61 -4.32
C SER A 408 8.29 -23.83 -5.58
N ALA A 409 7.30 -24.71 -5.55
CA ALA A 409 6.35 -24.84 -6.69
C ALA A 409 5.90 -23.44 -7.15
N ALA A 410 5.44 -22.61 -6.22
CA ALA A 410 4.77 -21.33 -6.56
C ALA A 410 5.78 -20.41 -7.23
N ILE A 411 6.94 -20.26 -6.61
CA ILE A 411 8.11 -19.48 -7.09
C ILE A 411 8.61 -19.97 -8.46
N ASN A 412 8.86 -21.24 -8.64
CA ASN A 412 9.27 -21.81 -9.95
C ASN A 412 8.24 -21.45 -11.01
N GLN A 413 6.97 -21.59 -10.67
CA GLN A 413 5.85 -21.25 -11.59
C GLN A 413 5.95 -19.76 -11.98
N ALA A 414 6.07 -18.84 -11.04
CA ALA A 414 6.19 -17.41 -11.40
C ALA A 414 7.46 -17.18 -12.24
N LEU A 415 8.54 -17.91 -12.01
CA LEU A 415 9.85 -17.60 -12.67
C LEU A 415 9.82 -18.12 -14.11
N ARG A 416 9.05 -19.17 -14.38
CA ARG A 416 8.82 -19.66 -15.76
C ARG A 416 8.14 -18.57 -16.60
N HIS A 417 7.46 -17.59 -16.00
CA HIS A 417 6.89 -16.40 -16.69
C HIS A 417 7.97 -15.34 -16.95
N LYS B 3 -6.92 27.93 -28.77
CA LYS B 3 -7.57 27.88 -27.39
C LYS B 3 -7.21 26.58 -26.66
N THR B 4 -7.26 26.61 -25.32
CA THR B 4 -6.89 25.47 -24.45
C THR B 4 -7.86 25.37 -23.27
N LEU B 5 -8.32 24.16 -22.96
CA LEU B 5 -9.01 23.82 -21.70
C LEU B 5 -8.10 22.96 -20.82
N GLU B 6 -8.26 23.12 -19.52
CA GLU B 6 -7.58 22.31 -18.49
C GLU B 6 -8.64 21.50 -17.77
N VAL B 7 -8.40 20.19 -17.66
CA VAL B 7 -9.27 19.28 -16.90
C VAL B 7 -8.40 18.50 -15.92
N TRP B 8 -8.91 18.40 -14.69
CA TRP B 8 -8.39 17.52 -13.63
C TRP B 8 -9.28 16.28 -13.59
N ILE B 9 -8.68 15.09 -13.64
CA ILE B 9 -9.43 13.83 -13.43
C ILE B 9 -8.66 13.00 -12.40
N MET B 10 -9.36 12.02 -11.84
CA MET B 10 -8.78 10.97 -10.97
C MET B 10 -8.48 9.73 -11.81
N PRO B 11 -7.79 8.70 -11.25
CA PRO B 11 -7.39 7.53 -12.04
C PRO B 11 -8.55 6.56 -12.29
N ASN B 12 -9.23 6.77 -13.40
CA ASN B 12 -10.53 6.11 -13.68
C ASN B 12 -10.28 4.86 -14.51
N SER B 13 -9.11 4.70 -15.11
CA SER B 13 -8.84 3.69 -16.15
C SER B 13 -7.39 3.30 -15.98
N PRO B 14 -6.96 2.15 -16.56
CA PRO B 14 -5.61 1.66 -16.34
C PRO B 14 -4.54 2.70 -16.71
N GLN B 15 -4.65 3.36 -17.86
CA GLN B 15 -3.78 4.43 -18.37
C GLN B 15 -4.57 5.75 -18.45
N PRO B 16 -4.69 6.45 -17.32
CA PRO B 16 -5.69 7.50 -17.19
C PRO B 16 -5.61 8.70 -18.14
N ALA B 17 -4.46 9.35 -18.28
CA ALA B 17 -4.28 10.49 -19.21
C ALA B 17 -4.56 10.07 -20.66
N GLU B 18 -4.04 8.90 -21.04
CA GLU B 18 -4.02 8.42 -22.42
C GLU B 18 -5.46 8.13 -22.84
N ASP B 19 -6.22 7.50 -21.97
CA ASP B 19 -7.62 7.13 -22.29
C ASP B 19 -8.44 8.40 -22.46
N PHE B 20 -8.31 9.34 -21.49
CA PHE B 20 -9.08 10.60 -21.54
C PHE B 20 -8.67 11.35 -22.80
N LYS B 21 -7.37 11.36 -23.12
CA LYS B 21 -6.94 12.06 -24.34
C LYS B 21 -7.62 11.41 -25.53
N ALA B 22 -7.65 10.09 -25.62
CA ALA B 22 -8.23 9.42 -26.81
C ALA B 22 -9.72 9.71 -26.82
N LEU B 23 -10.33 9.89 -25.64
CA LEU B 23 -11.81 10.05 -25.53
C LEU B 23 -12.19 11.40 -26.12
N VAL B 24 -11.37 12.42 -25.91
CA VAL B 24 -11.69 13.82 -26.29
C VAL B 24 -11.01 14.21 -27.61
N ALA B 25 -10.24 13.36 -28.29
CA ALA B 25 -9.58 13.73 -29.57
C ALA B 25 -10.58 14.24 -30.62
N PRO B 26 -11.76 13.60 -30.84
CA PRO B 26 -12.73 14.16 -31.77
C PRO B 26 -13.26 15.53 -31.35
N PHE B 27 -13.32 15.82 -30.06
CA PHE B 27 -13.75 17.14 -29.55
C PHE B 27 -12.67 18.15 -29.94
N GLU B 28 -11.42 17.82 -29.68
CA GLU B 28 -10.25 18.65 -30.03
C GLU B 28 -10.31 19.02 -31.52
N LYS B 29 -10.49 18.02 -32.39
CA LYS B 29 -10.56 18.19 -33.86
C LYS B 29 -11.72 19.14 -34.18
N ALA B 30 -12.93 18.80 -33.76
CA ALA B 30 -14.16 19.51 -34.18
C ALA B 30 -14.21 20.95 -33.63
N HIS B 31 -13.58 21.24 -32.48
CA HIS B 31 -13.64 22.59 -31.85
C HIS B 31 -12.29 23.32 -32.02
N GLY B 32 -11.29 22.73 -32.66
CA GLY B 32 -9.96 23.33 -32.87
C GLY B 32 -9.30 23.76 -31.56
N VAL B 33 -9.31 22.90 -30.54
CA VAL B 33 -8.80 23.20 -29.17
C VAL B 33 -7.92 22.04 -28.70
N GLU B 34 -6.98 22.33 -27.80
CA GLU B 34 -6.29 21.32 -26.98
C GLU B 34 -6.95 21.25 -25.60
N VAL B 35 -7.27 20.04 -25.17
CA VAL B 35 -7.68 19.73 -23.79
C VAL B 35 -6.44 19.19 -23.08
N LYS B 36 -5.90 19.90 -22.08
CA LYS B 36 -4.76 19.42 -21.27
C LYS B 36 -5.35 18.76 -20.03
N VAL B 37 -4.99 17.52 -19.76
CA VAL B 37 -5.55 16.77 -18.60
C VAL B 37 -4.41 16.61 -17.62
N THR B 38 -4.71 16.70 -16.35
CA THR B 38 -3.81 16.35 -15.22
C THR B 38 -4.55 15.28 -14.40
N VAL B 39 -3.90 14.16 -14.11
CA VAL B 39 -4.45 13.08 -13.24
C VAL B 39 -4.07 13.31 -11.77
N LEU B 40 -5.04 13.39 -10.87
CA LEU B 40 -4.77 13.50 -9.43
C LEU B 40 -5.15 12.17 -8.78
N ASP B 41 -4.26 11.59 -7.99
CA ASP B 41 -4.58 10.40 -7.15
C ASP B 41 -5.81 10.78 -6.33
N TRP B 42 -6.74 9.85 -6.13
CA TRP B 42 -7.89 10.00 -5.18
C TRP B 42 -7.40 10.48 -3.81
N GLY B 43 -6.28 9.95 -3.33
CA GLY B 43 -5.68 10.32 -2.03
C GLY B 43 -5.49 11.82 -1.87
N VAL B 44 -5.34 12.56 -2.98
CA VAL B 44 -4.87 13.96 -2.97
C VAL B 44 -5.92 14.88 -3.60
N ALA B 45 -6.95 14.32 -4.25
CA ALA B 45 -7.88 15.06 -5.13
C ALA B 45 -8.71 16.04 -4.33
N TRP B 46 -9.13 15.62 -3.12
CA TRP B 46 -9.94 16.48 -2.24
C TRP B 46 -9.18 17.76 -1.94
N THR B 47 -7.93 17.61 -1.54
CA THR B 47 -7.05 18.73 -1.14
C THR B 47 -6.84 19.66 -2.34
N LYS B 48 -6.53 19.10 -3.51
CA LYS B 48 -6.20 19.94 -4.68
C LYS B 48 -7.45 20.70 -5.11
N ILE B 49 -8.58 20.01 -5.08
CA ILE B 49 -9.86 20.63 -5.54
C ILE B 49 -10.29 21.72 -4.55
N THR B 50 -10.16 21.49 -3.24
CA THR B 50 -10.56 22.52 -2.25
C THR B 50 -9.59 23.68 -2.31
N THR B 51 -8.31 23.43 -2.55
CA THR B 51 -7.34 24.53 -2.74
C THR B 51 -7.67 25.31 -4.02
N ALA B 52 -7.96 24.68 -5.15
CA ALA B 52 -8.41 25.44 -6.32
C ALA B 52 -9.57 26.35 -5.88
N ALA B 53 -10.53 25.81 -5.14
CA ALA B 53 -11.79 26.49 -4.77
C ALA B 53 -11.52 27.66 -3.85
N THR B 54 -10.62 27.53 -2.86
CA THR B 54 -10.25 28.62 -1.91
C THR B 54 -9.46 29.71 -2.65
N SER B 55 -8.49 29.23 -3.42
CA SER B 55 -7.39 30.03 -4.01
C SER B 55 -7.85 30.70 -5.32
N GLY B 56 -8.89 30.18 -5.99
CA GLY B 56 -9.45 30.86 -7.19
C GLY B 56 -8.62 30.58 -8.43
N VAL B 57 -7.76 29.54 -8.37
CA VAL B 57 -6.70 29.18 -9.37
C VAL B 57 -6.80 27.67 -9.54
N GLY B 58 -6.88 27.21 -10.79
CA GLY B 58 -7.01 25.77 -11.07
C GLY B 58 -7.56 25.56 -12.46
N PRO B 59 -8.19 24.42 -12.76
CA PRO B 59 -8.50 24.06 -14.15
C PRO B 59 -9.78 24.74 -14.55
N ASP B 60 -10.21 24.55 -15.79
CA ASP B 60 -11.56 24.93 -16.21
C ASP B 60 -12.52 23.90 -15.63
N LEU B 61 -12.28 22.62 -15.85
CA LEU B 61 -13.17 21.53 -15.43
C LEU B 61 -12.41 20.61 -14.49
N THR B 62 -13.10 20.05 -13.50
CA THR B 62 -12.53 19.02 -12.60
C THR B 62 -13.53 17.86 -12.48
N GLN B 63 -13.05 16.65 -12.44
CA GLN B 63 -13.87 15.51 -12.00
C GLN B 63 -14.15 15.74 -10.51
N LEU B 64 -15.36 15.42 -10.08
CA LEU B 64 -15.83 15.47 -8.67
C LEU B 64 -16.44 14.12 -8.32
N GLY B 65 -15.99 13.47 -7.25
CA GLY B 65 -16.74 12.38 -6.58
C GLY B 65 -18.17 12.86 -6.33
N THR B 66 -19.17 12.02 -6.58
CA THR B 66 -20.58 12.38 -6.39
C THR B 66 -20.78 12.86 -4.95
N THR B 67 -20.10 12.23 -4.00
CA THR B 67 -20.32 12.55 -2.56
C THR B 67 -19.72 13.91 -2.25
N TRP B 68 -18.90 14.47 -3.14
CA TRP B 68 -18.22 15.77 -2.89
C TRP B 68 -18.96 16.91 -3.56
N VAL B 69 -20.00 16.67 -4.34
CA VAL B 69 -20.60 17.77 -5.14
C VAL B 69 -21.13 18.83 -4.18
N GLY B 70 -21.88 18.42 -3.16
CA GLY B 70 -22.49 19.35 -2.20
C GLY B 70 -21.47 20.30 -1.61
N ALA B 71 -20.36 19.74 -1.16
CA ALA B 71 -19.39 20.48 -0.34
C ALA B 71 -18.77 21.55 -1.21
N ILE B 72 -18.47 21.22 -2.47
CA ILE B 72 -17.71 22.19 -3.32
C ILE B 72 -18.72 23.21 -3.80
N SER B 73 -19.93 22.77 -4.08
CA SER B 73 -20.99 23.64 -4.62
C SER B 73 -21.25 24.73 -3.59
N ALA B 74 -21.38 24.32 -2.32
CA ALA B 74 -21.81 25.19 -1.19
C ALA B 74 -20.77 26.28 -0.93
N MET B 75 -19.55 26.09 -1.40
CA MET B 75 -18.46 27.09 -1.33
C MET B 75 -18.71 28.16 -2.39
N GLY B 76 -19.65 27.95 -3.31
CA GLY B 76 -20.13 28.93 -4.28
C GLY B 76 -19.17 29.15 -5.43
N VAL B 77 -18.32 28.16 -5.76
CA VAL B 77 -17.22 28.33 -6.76
C VAL B 77 -17.56 27.65 -8.10
N LEU B 78 -18.73 27.02 -8.23
CA LEU B 78 -19.06 26.19 -9.42
C LEU B 78 -20.09 26.89 -10.27
N GLU B 79 -19.87 26.87 -11.58
CA GLU B 79 -20.74 27.47 -12.59
C GLU B 79 -22.04 26.66 -12.62
N PRO B 80 -23.21 27.32 -12.62
CA PRO B 80 -24.45 26.60 -12.85
C PRO B 80 -24.39 25.91 -14.21
N VAL B 81 -24.95 24.70 -14.31
CA VAL B 81 -24.89 23.91 -15.56
C VAL B 81 -26.28 23.37 -15.87
N ASP B 82 -27.34 24.05 -15.46
CA ASP B 82 -28.72 23.61 -15.83
C ASP B 82 -28.84 23.52 -17.36
N ASP B 83 -28.20 24.43 -18.07
CA ASP B 83 -28.26 24.46 -19.55
C ASP B 83 -27.74 23.12 -20.10
N VAL B 84 -26.60 22.63 -19.60
CA VAL B 84 -25.93 21.40 -20.14
C VAL B 84 -26.87 20.22 -19.89
N LEU B 85 -27.44 20.15 -18.70
CA LEU B 85 -28.27 19.01 -18.26
C LEU B 85 -29.54 19.00 -19.11
N GLU B 86 -30.09 20.18 -19.42
CA GLU B 86 -31.27 20.28 -20.32
C GLU B 86 -30.88 19.81 -21.73
N ALA B 87 -29.74 20.24 -22.24
CA ALA B 87 -29.25 19.81 -23.57
C ALA B 87 -28.96 18.30 -23.60
N LEU B 88 -28.79 17.65 -22.44
CA LEU B 88 -28.54 16.17 -22.38
C LEU B 88 -29.82 15.36 -22.10
N GLY B 89 -30.99 16.01 -21.91
CA GLY B 89 -32.30 15.36 -21.72
C GLY B 89 -32.89 15.59 -20.33
N GLY B 90 -32.24 16.41 -19.49
CA GLY B 90 -32.79 16.79 -18.16
C GLY B 90 -33.01 15.57 -17.27
N GLU B 91 -33.84 15.74 -16.25
CA GLU B 91 -33.96 14.79 -15.13
C GLU B 91 -34.25 13.37 -15.63
N LYS B 92 -35.12 13.19 -16.64
CA LYS B 92 -35.61 11.83 -17.01
C LYS B 92 -34.49 11.02 -17.68
N ALA B 93 -33.40 11.66 -18.10
CA ALA B 93 -32.28 10.97 -18.77
C ALA B 93 -31.39 10.27 -17.74
N TYR B 94 -31.61 10.41 -16.44
CA TYR B 94 -30.73 9.83 -15.37
C TYR B 94 -31.52 9.00 -14.37
N LEU B 95 -30.93 7.94 -13.85
CA LEU B 95 -31.42 7.34 -12.56
C LEU B 95 -31.59 8.46 -11.54
N PRO B 96 -32.64 8.44 -10.69
CA PRO B 96 -32.77 9.39 -9.59
C PRO B 96 -31.50 9.45 -8.72
N ALA B 97 -30.84 8.31 -8.54
CA ALA B 97 -29.64 8.19 -7.69
C ALA B 97 -28.52 9.07 -8.26
N VAL B 98 -28.37 9.08 -9.58
CA VAL B 98 -27.43 9.98 -10.30
C VAL B 98 -27.91 11.44 -10.20
N TRP B 99 -29.19 11.70 -10.44
CA TRP B 99 -29.67 13.10 -10.60
C TRP B 99 -29.43 13.89 -9.33
N ARG B 100 -29.58 13.26 -8.16
CA ARG B 100 -29.40 13.88 -6.84
C ARG B 100 -27.99 14.47 -6.69
N THR B 101 -26.97 13.91 -7.37
CA THR B 101 -25.56 14.38 -7.28
C THR B 101 -25.26 15.55 -8.23
N THR B 102 -26.23 16.05 -8.96
CA THR B 102 -26.02 17.19 -9.88
C THR B 102 -26.07 18.50 -9.10
N ARG B 103 -26.40 18.47 -7.82
CA ARG B 103 -26.55 19.73 -7.06
C ARG B 103 -26.43 19.48 -5.56
N LEU B 104 -26.19 20.57 -4.86
CA LEU B 104 -26.34 20.64 -3.40
C LEU B 104 -27.82 20.38 -3.14
N GLU B 105 -28.12 19.53 -2.18
CA GLU B 105 -29.49 19.27 -1.70
C GLU B 105 -30.10 20.62 -1.30
N GLY B 106 -31.23 20.97 -1.91
CA GLY B 106 -31.97 22.21 -1.66
C GLY B 106 -31.54 23.35 -2.54
N ALA B 107 -30.49 23.24 -3.37
CA ALA B 107 -30.12 24.31 -4.31
C ALA B 107 -31.02 24.24 -5.55
N ARG B 108 -31.32 25.38 -6.13
CA ARG B 108 -32.22 25.47 -7.31
C ARG B 108 -31.42 25.06 -8.54
N GLN B 109 -30.17 25.52 -8.63
CA GLN B 109 -29.31 25.31 -9.82
C GLN B 109 -28.39 24.11 -9.61
N ALA B 110 -28.29 23.27 -10.65
CA ALA B 110 -27.27 22.22 -10.85
C ALA B 110 -25.88 22.84 -10.94
N THR B 111 -24.91 22.15 -10.31
CA THR B 111 -23.48 22.54 -10.27
C THR B 111 -22.57 21.42 -10.78
N ALA B 112 -23.10 20.27 -11.22
CA ALA B 112 -22.26 19.18 -11.77
C ALA B 112 -23.01 18.34 -12.80
N VAL B 113 -22.30 17.88 -13.82
CA VAL B 113 -22.82 17.03 -14.92
C VAL B 113 -22.43 15.58 -14.68
N PRO B 114 -23.40 14.63 -14.68
CA PRO B 114 -23.05 13.23 -14.40
C PRO B 114 -22.10 12.68 -15.45
N TRP B 115 -21.02 12.01 -15.01
CA TRP B 115 -19.97 11.57 -15.94
C TRP B 115 -19.99 10.04 -16.05
N PHE B 116 -19.79 9.36 -14.93
CA PHE B 116 -19.98 7.89 -14.83
C PHE B 116 -20.49 7.55 -13.42
N SER B 117 -21.06 6.34 -13.31
CA SER B 117 -21.63 5.81 -12.06
C SER B 117 -20.89 4.50 -11.76
N GLU B 118 -21.17 3.93 -10.60
CA GLU B 118 -20.27 2.95 -9.95
C GLU B 118 -21.06 2.48 -8.74
N LEU B 119 -21.08 1.20 -8.43
CA LEU B 119 -21.66 0.75 -7.15
C LEU B 119 -20.89 -0.48 -6.71
N ARG B 120 -21.12 -0.95 -5.50
CA ARG B 120 -20.27 -1.97 -4.87
C ARG B 120 -21.05 -3.27 -4.82
N ALA B 121 -20.28 -4.35 -4.88
CA ALA B 121 -20.78 -5.72 -4.85
C ALA B 121 -19.58 -6.58 -4.47
N PHE B 122 -19.80 -7.87 -4.25
CA PHE B 122 -18.75 -8.78 -3.76
C PHE B 122 -18.20 -9.56 -4.93
N TYR B 123 -16.92 -9.39 -5.21
CA TYR B 123 -16.20 -10.31 -6.12
C TYR B 123 -15.92 -11.59 -5.34
N TYR B 124 -15.98 -12.75 -6.02
CA TYR B 124 -15.59 -14.02 -5.37
C TYR B 124 -14.86 -14.94 -6.34
N ARG B 125 -14.04 -15.83 -5.78
CA ARG B 125 -13.31 -16.88 -6.52
C ARG B 125 -14.25 -18.07 -6.70
N THR B 126 -14.78 -18.26 -7.89
CA THR B 126 -15.80 -19.29 -8.19
C THR B 126 -15.23 -20.66 -7.85
N ASP B 127 -13.95 -20.87 -8.16
CA ASP B 127 -13.20 -22.09 -7.79
C ASP B 127 -13.15 -22.23 -6.26
N ALA B 128 -12.84 -21.17 -5.51
CA ALA B 128 -12.68 -21.30 -4.03
C ALA B 128 -14.03 -21.62 -3.38
N LEU B 129 -15.09 -20.99 -3.84
CA LEU B 129 -16.43 -21.28 -3.23
C LEU B 129 -16.84 -22.72 -3.54
N LYS B 130 -16.68 -23.16 -4.78
CA LYS B 130 -16.98 -24.53 -5.21
C LYS B 130 -16.21 -25.54 -4.31
N ALA B 131 -14.90 -25.33 -4.10
CA ALA B 131 -14.07 -26.27 -3.30
C ALA B 131 -14.54 -26.24 -1.84
N ALA B 132 -15.13 -25.14 -1.33
CA ALA B 132 -15.54 -25.07 0.09
C ALA B 132 -16.93 -25.63 0.25
N GLY B 133 -17.62 -25.93 -0.83
CA GLY B 133 -19.03 -26.33 -0.81
C GLY B 133 -19.95 -25.15 -0.54
N VAL B 134 -19.62 -23.95 -1.03
CA VAL B 134 -20.48 -22.75 -0.83
C VAL B 134 -21.23 -22.45 -2.13
N ASN B 135 -22.54 -22.43 -2.02
CA ASN B 135 -23.47 -21.88 -3.02
C ASN B 135 -23.45 -20.37 -2.86
N PRO B 136 -22.94 -19.60 -3.84
CA PRO B 136 -22.95 -18.15 -3.72
C PRO B 136 -24.35 -17.55 -3.52
N ALA B 137 -25.38 -18.18 -4.10
CA ALA B 137 -26.78 -17.72 -3.97
C ALA B 137 -27.16 -17.77 -2.49
N GLU B 138 -26.60 -18.69 -1.70
CA GLU B 138 -26.89 -18.71 -0.24
C GLU B 138 -26.02 -17.69 0.46
N MET B 139 -24.71 -17.70 0.16
CA MET B 139 -23.74 -16.87 0.90
C MET B 139 -24.16 -15.39 0.78
N PHE B 140 -24.65 -14.97 -0.38
CA PHE B 140 -24.89 -13.54 -0.62
C PHE B 140 -26.37 -13.17 -0.55
N ALA B 141 -27.19 -14.02 0.06
CA ALA B 141 -28.61 -13.74 0.27
C ALA B 141 -28.82 -12.98 1.57
N SER B 142 -27.99 -13.20 2.60
CA SER B 142 -28.26 -12.77 3.99
C SER B 142 -26.99 -12.68 4.81
N TRP B 143 -27.05 -11.89 5.88
CA TRP B 143 -25.93 -11.74 6.85
C TRP B 143 -25.55 -13.13 7.40
N GLN B 144 -26.51 -13.96 7.76
CA GLN B 144 -26.23 -15.31 8.33
C GLN B 144 -25.68 -16.18 7.20
N GLY B 145 -26.19 -16.11 5.98
CA GLY B 145 -25.63 -16.86 4.83
C GLY B 145 -24.19 -16.43 4.56
N PHE B 146 -23.95 -15.15 4.65
CA PHE B 146 -22.62 -14.53 4.43
C PHE B 146 -21.61 -15.11 5.42
N GLU B 147 -21.91 -15.05 6.70
CA GLU B 147 -21.04 -15.54 7.81
C GLU B 147 -20.87 -17.05 7.73
N ALA B 148 -21.91 -17.81 7.36
CA ALA B 148 -21.84 -19.29 7.26
C ALA B 148 -20.88 -19.63 6.13
N GLY B 149 -20.94 -18.85 5.05
CA GLY B 149 -20.07 -19.02 3.87
C GLY B 149 -18.63 -18.74 4.24
N LEU B 150 -18.38 -17.65 4.94
CA LEU B 150 -17.01 -17.32 5.38
C LEU B 150 -16.49 -18.47 6.28
N ALA B 151 -17.34 -19.07 7.12
CA ALA B 151 -16.90 -20.15 8.04
C ALA B 151 -16.44 -21.35 7.21
N ARG B 152 -17.19 -21.69 6.19
CA ARG B 152 -16.84 -22.83 5.29
C ARG B 152 -15.58 -22.47 4.49
N LEU B 153 -15.44 -21.23 4.01
CA LEU B 153 -14.21 -20.81 3.28
C LEU B 153 -12.99 -20.89 4.20
N LYS B 154 -13.17 -20.60 5.48
CA LYS B 154 -12.08 -20.64 6.47
C LYS B 154 -11.66 -22.09 6.73
N ALA B 155 -12.59 -23.03 6.68
CA ALA B 155 -12.35 -24.45 7.04
C ALA B 155 -11.79 -25.14 5.82
N SER B 156 -12.01 -24.58 4.63
CA SER B 156 -11.61 -25.27 3.39
C SER B 156 -10.09 -25.41 3.36
N SER B 157 -9.65 -26.57 2.86
CA SER B 157 -8.24 -26.89 2.62
C SER B 157 -7.88 -26.53 1.16
N PHE B 158 -8.74 -25.82 0.43
CA PHE B 158 -8.38 -25.34 -0.93
C PHE B 158 -7.11 -24.48 -0.89
N ARG B 159 -6.27 -24.59 -1.91
CA ARG B 159 -5.00 -23.84 -2.06
C ARG B 159 -4.92 -23.25 -3.46
N ASP B 160 -4.72 -21.93 -3.56
CA ASP B 160 -4.72 -21.22 -4.86
C ASP B 160 -3.72 -21.90 -5.77
N PRO B 161 -4.00 -22.24 -7.04
CA PRO B 161 -3.06 -23.00 -7.87
C PRO B 161 -1.74 -22.31 -8.20
N GLU B 162 -1.66 -20.98 -8.01
CA GLU B 162 -0.42 -20.20 -8.23
C GLU B 162 0.31 -20.00 -6.91
N THR B 163 -0.36 -19.51 -5.87
CA THR B 163 0.34 -19.28 -4.59
C THR B 163 0.67 -20.61 -3.92
N LYS B 164 -0.17 -21.64 -4.07
CA LYS B 164 -0.03 -22.94 -3.39
C LYS B 164 -0.31 -22.76 -1.88
N ALA B 165 -1.02 -21.72 -1.54
CA ALA B 165 -1.35 -21.37 -0.17
C ALA B 165 -2.85 -21.19 -0.12
N PRO B 166 -3.42 -21.25 1.11
CA PRO B 166 -4.83 -20.98 1.33
C PRO B 166 -5.18 -19.54 0.91
N LEU B 167 -6.46 -19.28 0.67
CA LEU B 167 -7.08 -17.93 0.53
C LEU B 167 -7.70 -17.49 1.86
N ALA B 168 -7.58 -16.22 2.18
CA ALA B 168 -8.39 -15.66 3.27
C ALA B 168 -9.81 -15.67 2.75
N PRO B 169 -10.83 -15.92 3.59
CA PRO B 169 -12.22 -15.80 3.18
C PRO B 169 -12.61 -14.40 2.70
N LEU B 170 -12.27 -13.38 3.45
CA LEU B 170 -12.57 -11.97 3.14
C LEU B 170 -11.33 -11.11 3.39
N CYS B 171 -11.06 -10.20 2.48
CA CYS B 171 -10.14 -9.06 2.71
C CYS B 171 -10.97 -7.80 2.64
N THR B 172 -10.82 -6.95 3.64
CA THR B 172 -11.37 -5.58 3.70
C THR B 172 -10.27 -4.72 4.34
N PRO B 173 -10.06 -3.49 3.86
CA PRO B 173 -8.96 -2.68 4.35
C PRO B 173 -9.25 -2.09 5.71
N GLY B 174 -8.28 -2.14 6.63
CA GLY B 174 -8.39 -1.59 8.00
C GLY B 174 -7.54 -0.35 8.27
N ARG B 175 -6.68 0.09 7.36
CA ARG B 175 -5.82 1.28 7.65
C ARG B 175 -6.24 2.45 6.77
N THR B 176 -6.15 3.65 7.33
CA THR B 176 -6.37 4.96 6.65
C THR B 176 -7.70 4.96 5.90
N PRO B 177 -8.76 4.32 6.42
CA PRO B 177 -9.97 4.18 5.62
C PRO B 177 -10.32 5.63 5.25
N ARG B 178 -10.15 6.01 3.98
CA ARG B 178 -10.46 7.37 3.47
C ARG B 178 -11.96 7.60 3.40
N THR B 179 -12.73 6.54 3.12
CA THR B 179 -14.21 6.59 2.88
C THR B 179 -14.94 5.55 3.74
N LEU B 180 -16.26 5.72 3.86
CA LEU B 180 -17.19 4.78 4.55
C LEU B 180 -17.77 3.80 3.50
N HIS B 181 -17.31 3.81 2.27
CA HIS B 181 -17.99 3.02 1.21
C HIS B 181 -18.15 1.56 1.65
N ASN B 182 -17.14 1.03 2.32
CA ASN B 182 -17.08 -0.38 2.78
C ASN B 182 -18.07 -0.58 3.94
N ALA B 183 -18.24 0.43 4.80
CA ALA B 183 -19.06 0.28 6.03
C ALA B 183 -20.53 0.55 5.71
N ALA B 184 -20.82 1.40 4.73
CA ALA B 184 -22.17 2.04 4.61
C ALA B 184 -23.25 0.97 4.49
N PRO B 185 -23.03 -0.06 3.63
CA PRO B 185 -24.03 -1.08 3.35
C PRO B 185 -24.47 -1.85 4.60
N TRP B 186 -23.53 -2.11 5.49
CA TRP B 186 -23.79 -2.78 6.79
C TRP B 186 -24.62 -1.84 7.68
N ILE B 187 -24.26 -0.58 7.73
CA ILE B 187 -25.08 0.43 8.48
C ILE B 187 -26.50 0.40 7.95
N TRP B 188 -26.65 0.53 6.66
CA TRP B 188 -27.97 0.71 5.99
C TRP B 188 -28.80 -0.57 6.14
N GLY B 189 -28.16 -1.71 5.93
CA GLY B 189 -28.82 -3.03 5.99
C GLY B 189 -29.40 -3.31 7.34
N ALA B 190 -28.81 -2.76 8.41
CA ALA B 190 -29.32 -2.93 9.79
C ALA B 190 -30.46 -1.94 10.07
N GLY B 191 -30.78 -1.06 9.12
CA GLY B 191 -31.80 0.01 9.25
C GLY B 191 -31.20 1.32 9.77
N GLY B 192 -29.88 1.41 9.80
CA GLY B 192 -29.12 2.59 10.22
C GLY B 192 -28.92 3.56 9.06
N GLU B 193 -28.31 4.70 9.42
CA GLU B 193 -27.89 5.78 8.51
C GLU B 193 -26.64 6.41 9.12
N ILE B 194 -25.88 7.13 8.31
CA ILE B 194 -24.67 7.90 8.73
C ILE B 194 -25.14 9.22 9.34
N VAL B 195 -26.02 9.94 8.64
CA VAL B 195 -26.66 11.18 9.15
C VAL B 195 -28.18 11.04 8.99
N ARG B 196 -28.92 11.80 9.79
CA ARG B 196 -30.40 11.84 9.87
C ARG B 196 -30.79 13.32 9.82
N GLN B 197 -31.84 13.69 9.09
CA GLN B 197 -32.42 15.07 9.20
C GLN B 197 -33.58 15.02 10.20
N ALA B 198 -33.60 15.92 11.18
CA ALA B 198 -34.71 16.17 12.14
C ALA B 198 -34.87 17.70 12.30
N GLY B 199 -36.10 18.22 12.16
CA GLY B 199 -36.40 19.66 12.14
C GLY B 199 -35.45 20.46 11.24
N GLY B 200 -35.10 19.94 10.06
CA GLY B 200 -34.24 20.67 9.09
C GLY B 200 -32.77 20.68 9.47
N ARG B 201 -32.38 20.14 10.63
CA ARG B 201 -30.97 19.98 11.08
C ARG B 201 -30.48 18.56 10.75
N TRP B 202 -29.34 18.44 10.08
CA TRP B 202 -28.63 17.14 9.96
C TRP B 202 -27.86 16.83 11.24
N GLN B 203 -27.87 15.56 11.67
CA GLN B 203 -27.14 15.01 12.84
C GLN B 203 -26.56 13.63 12.49
N SER B 204 -25.46 13.22 13.10
CA SER B 204 -24.96 11.81 13.06
C SER B 204 -26.07 10.88 13.52
N ALA B 205 -26.16 9.68 12.94
CA ALA B 205 -26.95 8.53 13.45
C ALA B 205 -26.04 7.28 13.51
N LEU B 206 -24.73 7.49 13.39
CA LEU B 206 -23.71 6.43 13.54
C LEU B 206 -23.84 5.77 14.91
N ASN B 207 -24.36 6.47 15.92
CA ASN B 207 -24.50 5.89 17.29
C ASN B 207 -25.93 5.43 17.56
N SER B 208 -26.80 5.34 16.55
CA SER B 208 -28.13 4.66 16.67
C SER B 208 -27.89 3.18 16.94
N PRO B 209 -28.82 2.49 17.61
CA PRO B 209 -28.66 1.05 17.83
C PRO B 209 -28.49 0.30 16.50
N GLU B 210 -29.21 0.70 15.47
CA GLU B 210 -29.19 0.06 14.11
C GLU B 210 -27.82 0.26 13.47
N SER B 211 -27.32 1.48 13.38
CA SER B 211 -26.00 1.76 12.79
C SER B 211 -24.97 0.90 13.52
N LEU B 212 -25.07 0.84 14.85
CA LEU B 212 -24.11 0.12 15.72
C LEU B 212 -24.16 -1.38 15.48
N GLU B 213 -25.36 -1.96 15.30
CA GLU B 213 -25.55 -3.40 14.98
C GLU B 213 -24.83 -3.74 13.65
N GLY B 214 -25.03 -2.94 12.60
CA GLY B 214 -24.36 -3.08 11.29
C GLY B 214 -22.84 -3.01 11.43
N LEU B 215 -22.33 -1.95 12.04
CA LEU B 215 -20.86 -1.79 12.21
C LEU B 215 -20.31 -2.96 13.03
N TYR B 216 -20.97 -3.37 14.11
CA TYR B 216 -20.44 -4.46 14.96
C TYR B 216 -20.41 -5.74 14.14
N PHE B 217 -21.47 -6.04 13.39
CA PHE B 217 -21.55 -7.28 12.56
C PHE B 217 -20.33 -7.37 11.61
N PHE B 218 -20.12 -6.29 10.89
CA PHE B 218 -19.04 -6.14 9.88
C PHE B 218 -17.68 -6.26 10.56
N LEU B 219 -17.40 -5.42 11.53
CA LEU B 219 -16.05 -5.35 12.16
C LEU B 219 -15.75 -6.66 12.89
N SER B 220 -16.74 -7.37 13.43
CA SER B 220 -16.49 -8.59 14.22
C SER B 220 -16.16 -9.78 13.30
N LEU B 221 -16.48 -9.70 12.00
CA LEU B 221 -16.09 -10.75 11.05
C LEU B 221 -14.59 -10.96 11.12
N ALA B 222 -13.84 -9.87 11.23
CA ALA B 222 -12.37 -9.93 11.32
C ALA B 222 -11.96 -10.53 12.68
N GLN B 223 -12.73 -10.26 13.72
CA GLN B 223 -12.44 -10.76 15.08
C GLN B 223 -12.76 -12.26 15.17
N LYS B 224 -13.64 -12.74 14.30
CA LYS B 224 -14.02 -14.17 14.22
C LYS B 224 -13.01 -14.93 13.36
N GLY B 225 -11.99 -14.29 12.81
CA GLY B 225 -10.94 -15.00 12.03
C GLY B 225 -11.14 -15.01 10.51
N TYR B 226 -12.15 -14.35 9.98
CA TYR B 226 -12.52 -14.41 8.54
C TYR B 226 -11.70 -13.40 7.72
N VAL B 227 -10.99 -12.52 8.40
CA VAL B 227 -10.11 -11.52 7.75
C VAL B 227 -8.74 -11.69 8.36
N PRO B 228 -7.67 -11.80 7.56
CA PRO B 228 -6.34 -11.98 8.15
C PRO B 228 -5.86 -10.67 8.81
N ALA B 229 -4.99 -10.79 9.82
CA ALA B 229 -4.21 -9.67 10.40
C ALA B 229 -3.71 -8.80 9.24
N GLU B 230 -2.97 -9.40 8.30
CA GLU B 230 -2.31 -8.73 7.14
C GLU B 230 -3.23 -7.61 6.62
N SER B 231 -4.55 -7.87 6.47
CA SER B 231 -5.51 -7.05 5.69
C SER B 231 -5.79 -5.72 6.39
N LEU B 232 -5.61 -5.66 7.71
CA LEU B 232 -6.04 -4.49 8.50
C LEU B 232 -4.98 -3.38 8.39
N GLU B 233 -3.79 -3.69 7.89
CA GLU B 233 -2.72 -2.70 7.65
C GLU B 233 -2.62 -2.38 6.15
N LYS B 234 -3.66 -2.72 5.38
CA LYS B 234 -3.70 -2.48 3.91
C LYS B 234 -4.78 -1.49 3.54
N ASN B 235 -4.50 -0.75 2.48
CA ASN B 235 -5.46 0.19 1.90
C ASN B 235 -6.28 -0.55 0.84
N THR B 236 -7.26 0.09 0.24
CA THR B 236 -8.08 -0.47 -0.86
C THR B 236 -7.21 -0.97 -2.02
N ALA B 237 -6.21 -0.21 -2.46
CA ALA B 237 -5.44 -0.60 -3.67
C ALA B 237 -4.63 -1.88 -3.32
N GLN B 238 -4.23 -2.06 -2.06
CA GLN B 238 -3.44 -3.26 -1.70
C GLN B 238 -4.39 -4.46 -1.62
N ILE B 239 -5.58 -4.27 -1.07
CA ILE B 239 -6.58 -5.38 -0.97
C ILE B 239 -6.89 -5.86 -2.39
N GLU B 240 -7.09 -4.92 -3.30
CA GLU B 240 -7.28 -5.26 -4.74
C GLU B 240 -6.15 -6.14 -5.22
N ALA B 241 -4.90 -5.74 -4.94
CA ALA B 241 -3.67 -6.49 -5.35
C ALA B 241 -3.70 -7.89 -4.76
N ASP B 242 -4.03 -8.02 -3.48
CA ASP B 242 -4.10 -9.31 -2.76
C ASP B 242 -5.15 -10.25 -3.40
N PHE B 243 -6.34 -9.78 -3.72
CA PHE B 243 -7.33 -10.62 -4.46
C PHE B 243 -6.76 -11.05 -5.84
N GLN B 244 -6.13 -10.11 -6.54
CA GLN B 244 -5.49 -10.35 -7.87
C GLN B 244 -4.39 -11.40 -7.77
N ALA B 245 -3.59 -11.34 -6.69
CA ALA B 245 -2.48 -12.27 -6.47
C ALA B 245 -3.00 -13.63 -5.97
N GLY B 246 -4.29 -13.82 -5.78
CA GLY B 246 -4.87 -15.11 -5.33
C GLY B 246 -4.83 -15.31 -3.82
N LYS B 247 -4.87 -14.23 -3.02
CA LYS B 247 -4.78 -14.32 -1.54
C LYS B 247 -6.15 -14.24 -0.86
N CYS B 248 -7.25 -13.94 -1.54
CA CYS B 248 -8.55 -14.07 -0.85
C CYS B 248 -9.67 -14.50 -1.77
N ALA B 249 -10.68 -15.08 -1.13
CA ALA B 249 -11.83 -15.68 -1.83
C ALA B 249 -12.78 -14.57 -2.22
N VAL B 250 -12.93 -13.58 -1.34
CA VAL B 250 -14.11 -12.67 -1.41
C VAL B 250 -13.64 -11.27 -1.12
N PHE B 251 -14.10 -10.29 -1.87
CA PHE B 251 -13.91 -8.89 -1.45
C PHE B 251 -14.82 -7.93 -2.21
N ALA B 252 -15.15 -6.84 -1.56
CA ALA B 252 -16.10 -5.81 -2.03
C ALA B 252 -15.35 -4.81 -2.88
N SER B 253 -15.76 -4.61 -4.12
CA SER B 253 -15.22 -3.52 -4.97
C SER B 253 -16.29 -3.08 -5.95
N GLY B 254 -15.94 -2.22 -6.88
CA GLY B 254 -16.85 -1.72 -7.94
C GLY B 254 -16.62 -2.48 -9.24
N PRO B 255 -17.31 -2.11 -10.34
CA PRO B 255 -17.31 -2.87 -11.58
C PRO B 255 -16.02 -2.77 -12.39
N TRP B 256 -15.17 -1.81 -12.04
CA TRP B 256 -13.90 -1.62 -12.75
C TRP B 256 -13.07 -2.88 -12.66
N MET B 257 -13.20 -3.72 -11.61
CA MET B 257 -12.35 -4.92 -11.51
C MET B 257 -12.63 -5.84 -12.68
N ILE B 258 -13.87 -5.85 -13.20
CA ILE B 258 -14.24 -6.69 -14.38
C ILE B 258 -13.28 -6.33 -15.52
N GLN B 259 -13.11 -5.04 -15.76
CA GLN B 259 -12.30 -4.52 -16.89
C GLN B 259 -10.85 -4.90 -16.62
N ARG B 260 -10.38 -4.71 -15.39
CA ARG B 260 -9.00 -5.03 -14.98
C ARG B 260 -8.78 -6.52 -15.24
N ALA B 261 -9.77 -7.40 -15.14
CA ALA B 261 -9.56 -8.85 -15.37
C ALA B 261 -9.24 -9.16 -16.84
N GLN B 262 -9.54 -8.23 -17.75
CA GLN B 262 -9.37 -8.39 -19.23
C GLN B 262 -8.08 -7.73 -19.72
N VAL B 263 -7.36 -7.06 -18.84
CA VAL B 263 -6.14 -6.28 -19.20
C VAL B 263 -4.91 -6.98 -18.64
N PRO B 264 -3.80 -7.03 -19.40
CA PRO B 264 -2.58 -7.66 -18.91
C PRO B 264 -2.04 -6.93 -17.67
N GLU B 265 -1.36 -7.70 -16.83
CA GLU B 265 -0.58 -7.18 -15.68
C GLU B 265 0.33 -6.05 -16.10
N ALA B 266 1.09 -6.24 -17.17
CA ALA B 266 2.01 -5.21 -17.72
C ALA B 266 1.27 -3.86 -17.81
N LYS B 267 -0.05 -3.87 -18.10
CA LYS B 267 -0.90 -2.67 -18.35
C LYS B 267 -1.83 -2.39 -17.15
N GLY B 268 -1.55 -2.97 -15.97
CA GLY B 268 -2.24 -2.57 -14.72
C GLY B 268 -3.48 -3.40 -14.42
N GLY B 269 -3.67 -4.49 -15.13
CA GLY B 269 -4.77 -5.47 -14.96
C GLY B 269 -4.24 -6.77 -14.36
N PHE B 270 -5.01 -7.83 -14.46
CA PHE B 270 -4.65 -9.11 -13.82
C PHE B 270 -5.12 -10.28 -14.67
N ALA B 271 -5.14 -10.11 -16.00
CA ALA B 271 -5.68 -11.11 -16.94
C ALA B 271 -5.01 -12.47 -16.77
N GLU B 272 -3.70 -12.52 -16.56
CA GLU B 272 -2.94 -13.80 -16.45
C GLU B 272 -3.30 -14.54 -15.16
N ARG B 273 -3.88 -13.89 -14.14
CA ARG B 273 -4.01 -14.49 -12.79
C ARG B 273 -5.23 -15.42 -12.74
N THR B 274 -5.17 -16.42 -11.86
CA THR B 274 -6.27 -17.41 -11.60
C THR B 274 -7.58 -16.67 -11.28
N ALA B 275 -7.51 -15.59 -10.52
CA ALA B 275 -8.70 -14.79 -10.14
C ALA B 275 -9.45 -14.33 -11.41
N ALA B 276 -8.74 -13.98 -12.50
CA ALA B 276 -9.38 -13.42 -13.73
C ALA B 276 -10.16 -14.52 -14.43
N LYS B 277 -9.71 -15.76 -14.28
CA LYS B 277 -10.24 -16.95 -14.95
C LYS B 277 -11.27 -17.62 -14.04
N ASN B 278 -11.51 -17.11 -12.83
CA ASN B 278 -12.42 -17.79 -11.88
C ASN B 278 -13.17 -16.70 -11.12
N LEU B 279 -13.71 -15.73 -11.84
CA LEU B 279 -14.19 -14.48 -11.27
C LEU B 279 -15.72 -14.48 -11.24
N GLY B 280 -16.28 -14.31 -10.05
CA GLY B 280 -17.74 -14.17 -9.88
C GLY B 280 -18.08 -12.85 -9.23
N VAL B 281 -19.32 -12.42 -9.33
CA VAL B 281 -19.79 -11.25 -8.55
C VAL B 281 -21.17 -11.54 -7.96
N ALA B 282 -21.44 -11.08 -6.74
CA ALA B 282 -22.80 -11.20 -6.15
C ALA B 282 -23.13 -9.91 -5.45
N PRO B 283 -24.38 -9.45 -5.47
CA PRO B 283 -24.74 -8.21 -4.79
C PRO B 283 -24.50 -8.38 -3.29
N TYR B 284 -24.49 -7.27 -2.54
CA TYR B 284 -24.56 -7.28 -1.07
C TYR B 284 -25.78 -8.09 -0.62
N PRO B 285 -25.62 -8.84 0.49
CA PRO B 285 -26.74 -9.50 1.13
C PRO B 285 -27.75 -8.47 1.64
N ALA B 286 -29.01 -8.88 1.71
CA ALA B 286 -30.08 -8.24 2.50
C ALA B 286 -29.69 -8.27 3.99
N GLY B 287 -29.70 -7.15 4.66
CA GLY B 287 -29.50 -7.08 6.12
C GLY B 287 -30.83 -7.31 6.79
N PRO B 288 -30.91 -7.19 8.12
CA PRO B 288 -32.17 -7.39 8.85
C PRO B 288 -33.31 -6.43 8.50
N LYS B 289 -33.00 -5.21 8.03
CA LYS B 289 -34.03 -4.18 7.74
C LYS B 289 -33.93 -3.68 6.30
N GLY B 290 -33.19 -4.36 5.43
CA GLY B 290 -33.24 -4.06 3.99
C GLY B 290 -31.94 -4.39 3.25
N ARG B 291 -32.00 -4.32 1.92
CA ARG B 291 -30.90 -4.60 0.99
C ARG B 291 -30.37 -3.26 0.43
N TYR B 292 -29.12 -2.92 0.75
CA TYR B 292 -28.45 -1.68 0.29
C TYR B 292 -27.02 -1.96 -0.20
N THR B 293 -26.56 -1.18 -1.20
CA THR B 293 -25.12 -1.00 -1.49
C THR B 293 -24.81 0.50 -1.75
N PHE B 294 -23.55 0.88 -1.56
CA PHE B 294 -23.05 2.23 -1.93
C PHE B 294 -23.13 2.38 -3.44
N PHE B 295 -23.84 3.41 -3.89
CA PHE B 295 -23.96 3.85 -5.29
C PHE B 295 -23.27 5.20 -5.43
N GLY B 296 -22.27 5.28 -6.30
CA GLY B 296 -21.46 6.48 -6.45
C GLY B 296 -21.12 6.79 -7.88
N GLY B 297 -19.90 7.30 -8.05
CA GLY B 297 -19.39 7.69 -9.37
C GLY B 297 -18.82 9.06 -9.29
N SER B 298 -18.57 9.65 -10.45
CA SER B 298 -17.98 10.98 -10.53
C SER B 298 -18.82 11.80 -11.50
N ASN B 299 -18.92 13.10 -11.21
CA ASN B 299 -19.53 14.11 -12.09
C ASN B 299 -18.41 15.05 -12.54
N LEU B 300 -18.72 15.97 -13.40
CA LEU B 300 -17.77 17.00 -13.85
C LEU B 300 -18.31 18.36 -13.49
N ALA B 301 -17.46 19.28 -13.05
CA ALA B 301 -17.86 20.66 -12.73
C ALA B 301 -16.88 21.65 -13.34
N LEU B 302 -17.40 22.84 -13.50
CA LEU B 302 -16.79 24.01 -14.17
C LEU B 302 -16.60 25.06 -13.09
N PHE B 303 -15.37 25.47 -12.81
CA PHE B 303 -15.12 26.55 -11.84
C PHE B 303 -15.62 27.86 -12.41
N ASN B 304 -16.17 28.72 -11.59
CA ASN B 304 -16.77 29.99 -12.13
C ASN B 304 -15.66 30.96 -12.52
N PHE B 305 -14.42 30.69 -12.15
CA PHE B 305 -13.27 31.55 -12.54
C PHE B 305 -12.69 31.09 -13.89
N SER B 306 -13.28 30.13 -14.59
CA SER B 306 -12.91 29.79 -15.98
C SER B 306 -13.12 30.98 -16.92
N LYS B 307 -12.23 31.16 -17.87
CA LYS B 307 -12.34 32.16 -18.97
C LYS B 307 -12.73 31.44 -20.26
N ASN B 308 -13.09 30.15 -20.21
CA ASN B 308 -13.51 29.34 -21.37
C ASN B 308 -14.85 28.66 -21.06
N LYS B 309 -15.76 29.38 -20.41
CA LYS B 309 -17.04 28.83 -19.90
C LYS B 309 -17.81 28.20 -21.07
N PRO B 310 -18.20 28.95 -22.12
CA PRO B 310 -18.93 28.35 -23.23
C PRO B 310 -18.28 27.10 -23.83
N LEU B 311 -16.99 27.20 -24.17
CA LEU B 311 -16.24 26.05 -24.72
C LEU B 311 -16.27 24.86 -23.73
N ALA B 312 -16.01 25.14 -22.46
CA ALA B 312 -16.05 24.17 -21.35
C ALA B 312 -17.44 23.54 -21.29
N LYS B 313 -18.50 24.30 -21.47
CA LYS B 313 -19.87 23.73 -21.42
C LYS B 313 -20.06 22.79 -22.61
N GLU B 314 -19.50 23.11 -23.78
CA GLU B 314 -19.52 22.26 -25.00
C GLU B 314 -18.82 20.93 -24.67
N LEU B 315 -17.68 20.97 -24.00
CA LEU B 315 -16.96 19.74 -23.59
C LEU B 315 -17.77 18.98 -22.54
N LEU B 316 -18.49 19.63 -21.63
CA LEU B 316 -19.36 18.88 -20.68
C LEU B 316 -20.48 18.21 -21.49
N LYS B 317 -21.13 18.92 -22.38
CA LYS B 317 -22.16 18.30 -23.26
C LYS B 317 -21.58 17.07 -23.99
N TYR B 318 -20.37 17.17 -24.51
CA TYR B 318 -19.72 16.05 -25.25
C TYR B 318 -19.53 14.87 -24.29
N LEU B 319 -19.02 15.14 -23.09
CA LEU B 319 -18.58 14.08 -22.17
C LEU B 319 -19.77 13.42 -21.51
N GLY B 320 -20.85 14.17 -21.30
CA GLY B 320 -22.10 13.67 -20.71
C GLY B 320 -23.02 13.04 -21.74
N GLY B 321 -22.73 13.23 -23.04
CA GLY B 321 -23.54 12.76 -24.17
C GLY B 321 -23.31 11.28 -24.49
N PRO B 322 -24.27 10.70 -25.25
CA PRO B 322 -24.32 9.26 -25.48
C PRO B 322 -23.02 8.61 -25.95
N GLU B 323 -22.40 9.22 -26.94
CA GLU B 323 -21.26 8.57 -27.60
C GLU B 323 -20.14 8.44 -26.56
N ALA B 324 -19.71 9.57 -25.99
CA ALA B 324 -18.62 9.61 -25.01
C ALA B 324 -19.02 8.89 -23.70
N GLN B 325 -20.30 8.81 -23.38
CA GLN B 325 -20.75 8.07 -22.17
C GLN B 325 -20.43 6.59 -22.32
N VAL B 326 -20.80 6.03 -23.46
CA VAL B 326 -20.51 4.61 -23.75
C VAL B 326 -18.99 4.41 -23.80
N ARG B 327 -18.27 5.27 -24.52
CA ARG B 327 -16.82 5.06 -24.73
C ARG B 327 -16.11 5.13 -23.38
N TYR B 328 -16.44 6.09 -22.53
CA TYR B 328 -15.64 6.26 -21.30
C TYR B 328 -15.90 5.12 -20.32
N ALA B 329 -17.14 4.65 -20.24
CA ALA B 329 -17.51 3.49 -19.42
C ALA B 329 -16.74 2.27 -19.94
N GLN B 330 -16.62 2.13 -21.26
CA GLN B 330 -15.82 1.02 -21.83
C GLN B 330 -14.37 1.16 -21.34
N MET B 331 -13.82 2.37 -21.39
CA MET B 331 -12.38 2.59 -21.15
C MET B 331 -12.05 2.27 -19.71
N THR B 332 -13.00 2.55 -18.80
CA THR B 332 -12.79 2.56 -17.32
C THR B 332 -13.39 1.34 -16.66
N GLY B 333 -14.36 0.66 -17.28
CA GLY B 333 -15.11 -0.44 -16.65
C GLY B 333 -16.14 0.07 -15.64
N MET B 334 -16.44 1.37 -15.70
CA MET B 334 -17.52 1.96 -14.85
C MET B 334 -18.87 1.82 -15.59
N LEU B 335 -19.96 2.28 -15.02
CA LEU B 335 -21.20 2.37 -15.81
C LEU B 335 -21.38 3.81 -16.28
N PRO B 336 -22.07 4.04 -17.41
CA PRO B 336 -22.41 5.40 -17.81
C PRO B 336 -23.22 6.06 -16.71
N ALA B 337 -23.19 7.39 -16.69
CA ALA B 337 -24.10 8.17 -15.85
C ALA B 337 -25.45 8.25 -16.57
N LEU B 338 -25.46 8.35 -17.91
CA LEU B 338 -26.68 8.51 -18.75
C LEU B 338 -27.46 7.17 -18.82
N ARG B 339 -28.70 7.13 -18.36
CA ARG B 339 -29.51 5.88 -18.26
C ARG B 339 -29.58 5.16 -19.61
N SER B 340 -29.78 5.88 -20.70
CA SER B 340 -30.02 5.28 -22.03
C SER B 340 -28.81 4.41 -22.40
N ALA B 341 -27.61 4.87 -22.06
CA ALA B 341 -26.34 4.25 -22.49
C ALA B 341 -26.16 2.91 -21.77
N TRP B 342 -26.91 2.62 -20.70
CA TRP B 342 -26.91 1.29 -20.03
C TRP B 342 -27.35 0.21 -21.00
N SER B 343 -28.12 0.56 -22.02
CA SER B 343 -28.71 -0.45 -22.95
C SER B 343 -27.70 -0.84 -24.02
N ASP B 344 -26.54 -0.17 -24.12
CA ASP B 344 -25.50 -0.57 -25.09
C ASP B 344 -25.25 -2.06 -24.92
N PRO B 345 -25.31 -2.83 -26.03
CA PRO B 345 -24.91 -4.24 -26.05
C PRO B 345 -23.58 -4.52 -25.35
N SER B 346 -22.62 -3.59 -25.51
CA SER B 346 -21.31 -3.70 -24.86
C SER B 346 -21.51 -4.11 -23.39
N PHE B 347 -22.45 -3.47 -22.68
CA PHE B 347 -22.68 -3.67 -21.23
C PHE B 347 -23.69 -4.83 -21.00
N GLN B 348 -24.70 -4.94 -21.85
CA GLN B 348 -25.78 -5.96 -21.73
C GLN B 348 -25.26 -7.38 -21.93
N GLN B 349 -24.16 -7.52 -22.67
CA GLN B 349 -23.56 -8.84 -23.02
C GLN B 349 -22.43 -9.19 -22.03
N ASN B 350 -22.17 -8.36 -21.03
CA ASN B 350 -21.08 -8.56 -20.05
C ASN B 350 -21.71 -9.16 -18.80
N PRO B 351 -21.60 -10.48 -18.56
CA PRO B 351 -22.42 -11.13 -17.54
C PRO B 351 -22.17 -10.58 -16.14
N LEU B 352 -20.92 -10.32 -15.80
CA LEU B 352 -20.60 -9.80 -14.46
C LEU B 352 -21.15 -8.38 -14.37
N LEU B 353 -21.01 -7.57 -15.40
CA LEU B 353 -21.53 -6.20 -15.33
C LEU B 353 -23.06 -6.25 -15.24
N ARG B 354 -23.69 -7.19 -15.91
CA ARG B 354 -25.17 -7.32 -15.84
C ARG B 354 -25.56 -7.50 -14.35
N THR B 355 -24.73 -8.16 -13.55
CA THR B 355 -24.99 -8.33 -12.09
C THR B 355 -24.86 -6.99 -11.34
N PHE B 356 -23.91 -6.14 -11.70
CA PHE B 356 -23.81 -4.77 -11.14
C PHE B 356 -25.07 -3.99 -11.51
N ILE B 357 -25.52 -4.14 -12.76
CA ILE B 357 -26.73 -3.44 -13.27
C ILE B 357 -27.95 -3.85 -12.44
N GLN B 358 -28.18 -5.13 -12.23
CA GLN B 358 -29.34 -5.58 -11.42
C GLN B 358 -29.16 -5.07 -9.98
N ALA B 359 -27.94 -5.09 -9.44
CA ALA B 359 -27.67 -4.70 -8.04
C ALA B 359 -27.94 -3.19 -7.82
N ALA B 360 -27.95 -2.39 -8.89
CA ALA B 360 -28.26 -0.93 -8.87
C ALA B 360 -29.64 -0.67 -8.24
N GLN B 361 -30.58 -1.60 -8.40
CA GLN B 361 -31.93 -1.53 -7.77
C GLN B 361 -31.79 -1.21 -6.29
N PHE B 362 -30.78 -1.70 -5.60
CA PHE B 362 -30.62 -1.51 -4.14
C PHE B 362 -29.57 -0.44 -3.85
N GLY B 363 -29.20 0.31 -4.88
CA GLY B 363 -28.17 1.33 -4.70
C GLY B 363 -28.66 2.40 -3.76
N ARG B 364 -27.74 2.92 -2.95
CA ARG B 364 -28.03 3.95 -1.96
C ARG B 364 -26.91 4.98 -1.94
N THR B 365 -27.37 6.20 -1.83
CA THR B 365 -26.64 7.44 -2.10
C THR B 365 -26.44 8.13 -0.73
N TYR B 366 -25.27 8.70 -0.50
CA TYR B 366 -25.07 9.69 0.60
C TYR B 366 -25.94 10.91 0.31
N PRO B 367 -26.51 11.55 1.35
CA PRO B 367 -27.10 12.88 1.21
C PRO B 367 -26.06 13.90 0.68
N SER B 368 -26.52 14.89 -0.08
CA SER B 368 -25.66 15.81 -0.86
C SER B 368 -25.34 17.06 -0.03
N LEU B 369 -24.63 16.92 1.09
CA LEU B 369 -24.47 17.96 2.14
C LEU B 369 -23.18 18.77 1.97
N ALA B 370 -23.25 20.03 2.36
CA ALA B 370 -22.14 21.01 2.44
C ALA B 370 -21.04 20.51 3.39
N GLY B 371 -21.36 19.94 4.55
CA GLY B 371 -20.31 19.52 5.49
C GLY B 371 -19.80 18.10 5.21
N TRP B 372 -20.19 17.49 4.07
CA TRP B 372 -20.03 16.04 3.85
C TRP B 372 -18.56 15.65 4.01
N GLY B 373 -17.62 16.46 3.50
CA GLY B 373 -16.17 16.22 3.63
C GLY B 373 -15.76 15.86 5.05
N GLY B 374 -16.08 16.75 5.98
CA GLY B 374 -15.71 16.61 7.41
C GLY B 374 -16.51 15.52 8.09
N VAL B 375 -17.77 15.34 7.74
CA VAL B 375 -18.60 14.21 8.24
C VAL B 375 -17.84 12.91 7.93
N GLU B 376 -17.56 12.65 6.66
CA GLU B 376 -16.97 11.37 6.24
C GLU B 376 -15.59 11.29 6.87
N ASN B 377 -14.88 12.42 6.91
CA ASN B 377 -13.48 12.38 7.43
C ASN B 377 -13.54 12.01 8.91
N LEU B 378 -14.46 12.62 9.65
CA LEU B 378 -14.56 12.38 11.13
C LEU B 378 -15.03 10.93 11.35
N ALA B 379 -15.96 10.44 10.55
CA ALA B 379 -16.50 9.06 10.64
C ALA B 379 -15.38 8.02 10.50
N VAL B 380 -14.57 8.14 9.44
CA VAL B 380 -13.51 7.13 9.10
C VAL B 380 -12.41 7.20 10.16
N GLN B 381 -12.10 8.39 10.67
CA GLN B 381 -11.06 8.57 11.71
C GLN B 381 -11.41 7.71 12.92
N HIS B 382 -12.67 7.71 13.36
CA HIS B 382 -13.16 6.90 14.52
C HIS B 382 -13.36 5.42 14.16
N LEU B 383 -13.79 5.14 12.95
CA LEU B 383 -13.92 3.74 12.44
C LEU B 383 -12.51 3.13 12.38
N GLY B 384 -11.53 3.89 11.89
CA GLY B 384 -10.10 3.57 11.94
C GLY B 384 -9.73 3.04 13.32
N MET B 385 -10.17 3.73 14.37
CA MET B 385 -9.83 3.41 15.79
C MET B 385 -10.53 2.11 16.17
N ALA B 386 -11.72 1.87 15.62
CA ALA B 386 -12.50 0.64 15.80
C ALA B 386 -11.70 -0.52 15.21
N TRP B 387 -11.15 -0.33 14.00
CA TRP B 387 -10.33 -1.34 13.28
C TRP B 387 -9.05 -1.67 14.06
N ASP B 388 -8.43 -0.66 14.69
CA ASP B 388 -7.26 -0.85 15.59
C ASP B 388 -7.62 -1.72 16.79
N LEU B 389 -8.83 -1.60 17.35
CA LEU B 389 -9.30 -2.51 18.45
C LEU B 389 -9.46 -3.92 17.86
N VAL B 390 -10.05 -4.02 16.67
CA VAL B 390 -10.32 -5.34 16.02
C VAL B 390 -9.00 -6.10 15.94
N ALA B 391 -7.93 -5.45 15.45
CA ALA B 391 -6.58 -6.03 15.18
C ALA B 391 -5.98 -6.68 16.43
N GLN B 392 -6.35 -6.19 17.63
CA GLN B 392 -5.94 -6.71 18.97
C GLN B 392 -7.01 -7.66 19.53
N GLY B 393 -8.12 -7.88 18.81
CA GLY B 393 -9.24 -8.71 19.29
C GLY B 393 -9.93 -8.13 20.51
N ARG B 394 -9.97 -6.79 20.60
CA ARG B 394 -10.46 -6.05 21.78
C ARG B 394 -11.63 -5.13 21.40
N LEU B 395 -12.43 -5.43 20.35
CA LEU B 395 -13.64 -4.63 20.02
C LEU B 395 -14.91 -5.27 20.61
N THR B 396 -15.50 -4.67 21.65
CA THR B 396 -16.85 -4.99 22.17
C THR B 396 -17.89 -4.02 21.60
N ARG B 397 -19.18 -4.35 21.75
CA ARG B 397 -20.32 -3.53 21.29
C ARG B 397 -20.23 -2.17 21.99
N GLU B 398 -19.86 -2.19 23.27
CA GLU B 398 -19.72 -1.03 24.19
C GLU B 398 -18.52 -0.18 23.76
N ALA B 399 -17.35 -0.76 23.47
CA ALA B 399 -16.17 0.04 23.05
C ALA B 399 -16.49 0.80 21.76
N LEU B 400 -17.17 0.09 20.85
CA LEU B 400 -17.61 0.63 19.54
C LEU B 400 -18.58 1.78 19.79
N LYS B 401 -19.48 1.62 20.76
CA LYS B 401 -20.49 2.67 21.12
C LYS B 401 -19.76 3.92 21.59
N ASP B 402 -18.71 3.77 22.42
CA ASP B 402 -17.87 4.89 22.90
C ASP B 402 -17.32 5.65 21.69
N LEU B 403 -16.64 4.91 20.81
CA LEU B 403 -16.03 5.50 19.60
C LEU B 403 -17.11 6.25 18.81
N MET B 404 -18.30 5.68 18.69
CA MET B 404 -19.31 6.21 17.74
C MET B 404 -20.05 7.39 18.39
N ASP B 405 -20.23 7.35 19.72
CA ASP B 405 -20.81 8.46 20.51
C ASP B 405 -19.96 9.72 20.28
N LYS B 406 -18.64 9.54 20.31
CA LYS B 406 -17.73 10.71 20.23
C LYS B 406 -17.60 11.12 18.76
N ALA B 407 -17.47 10.17 17.84
CA ALA B 407 -17.60 10.44 16.39
C ALA B 407 -18.84 11.31 16.14
N SER B 408 -19.95 10.99 16.81
CA SER B 408 -21.25 11.69 16.62
C SER B 408 -21.18 13.11 17.19
N ALA B 409 -20.73 13.28 18.43
CA ALA B 409 -20.50 14.62 19.01
C ALA B 409 -19.71 15.49 18.02
N ALA B 410 -18.59 14.98 17.52
CA ALA B 410 -17.63 15.76 16.71
C ALA B 410 -18.30 16.15 15.38
N ILE B 411 -18.93 15.19 14.72
CA ILE B 411 -19.70 15.40 13.46
C ILE B 411 -20.82 16.43 13.64
N ASN B 412 -21.68 16.29 14.66
CA ASN B 412 -22.78 17.27 14.91
C ASN B 412 -22.17 18.69 15.01
N GLN B 413 -21.06 18.84 15.76
CA GLN B 413 -20.33 20.14 15.88
C GLN B 413 -19.95 20.67 14.49
N ALA B 414 -19.25 19.88 13.68
CA ALA B 414 -18.80 20.32 12.34
C ALA B 414 -20.03 20.66 11.47
N LEU B 415 -21.17 20.00 11.65
CA LEU B 415 -22.38 20.27 10.84
C LEU B 415 -23.07 21.57 11.28
N ARG B 416 -22.96 21.99 12.54
CA ARG B 416 -23.56 23.29 13.00
C ARG B 416 -23.08 24.44 12.09
N HIS B 417 -21.76 24.56 11.85
CA HIS B 417 -21.14 25.45 10.81
C HIS B 417 -21.33 24.79 9.44
N HIS B 418 -21.91 25.50 8.46
CA HIS B 418 -22.45 25.01 7.16
C HIS B 418 -23.99 25.09 7.20
#